data_4OOU
#
_entry.id   4OOU
#
_cell.length_a   74.237
_cell.length_b   84.476
_cell.length_c   164.057
_cell.angle_alpha   90.00
_cell.angle_beta   90.00
_cell.angle_gamma   90.00
#
_symmetry.space_group_name_H-M   'P 21 21 21'
#
loop_
_entity.id
_entity.type
_entity.pdbx_description
1 polymer Beta-1,4-mannanase
2 non-polymer 2-AMINO-2-HYDROXYMETHYL-PROPANE-1,3-DIOL
3 water water
#
_entity_poly.entity_id   1
_entity_poly.type   'polypeptide(L)'
_entity_poly.pdbx_seq_one_letter_code
;MVKLFSFLLLVWVASPAFSSEFLKASGSNFYYGGQKVFLSGVNFAWRSYGSDFGNGQYASNGPALKDWINKVKASGGNTA
RVWVHVEGQVSPAFDSHGFVTSTDSKKTLINDLSDLLDYANGQNVFLILVLFNGALQNNSNVQNLFWDESKLNSYINNAL
TPMVNALKSKPSLAAWEVLNEPEGTLQPGSDQNSCYDTSTLAAQGAGWGGKKFPMKQILKTINWISSAIHNADSKALVTV
GSWSELTQTDSFGYRNHYKDSCLTGAGGKSNGIINFYQMHTYSHSGKWNQNAPFKVNRWAYNVNDKPLLIGEFASVCSQN
EGIQNLYKYAYNNGYNGALTWQFNSGGDCSDTYSNQMYGMQALKGQNDQSGGKGGMVSVNINHHHHHH
;
_entity_poly.pdbx_strand_id   B,A
#
# COMPACT_ATOMS: atom_id res chain seq x y z
N SER A 20 -21.83 11.17 28.89
CA SER A 20 -22.26 9.91 28.20
C SER A 20 -21.40 8.67 28.61
N GLU A 21 -21.96 7.50 28.37
CA GLU A 21 -21.34 6.23 28.72
C GLU A 21 -20.50 5.63 27.59
N PHE A 22 -19.31 5.14 27.95
CA PHE A 22 -18.44 4.41 27.05
C PHE A 22 -18.25 3.03 27.62
N LEU A 23 -17.76 2.13 26.79
CA LEU A 23 -17.36 0.78 27.24
C LEU A 23 -16.15 0.92 28.15
N LYS A 24 -16.21 0.37 29.35
CA LYS A 24 -15.07 0.38 30.29
C LYS A 24 -14.58 -1.05 30.43
N ALA A 25 -13.41 -1.22 31.03
CA ALA A 25 -12.88 -2.49 31.41
C ALA A 25 -12.51 -2.37 32.87
N SER A 26 -12.99 -3.29 33.69
CA SER A 26 -12.76 -3.29 35.14
C SER A 26 -12.72 -4.73 35.65
N GLY A 27 -11.71 -5.03 36.45
CA GLY A 27 -11.38 -6.41 36.75
C GLY A 27 -11.46 -7.28 35.50
N SER A 28 -12.18 -8.37 35.62
CA SER A 28 -12.33 -9.36 34.55
C SER A 28 -13.30 -8.96 33.40
N ASN A 29 -13.96 -7.83 33.52
CA ASN A 29 -15.10 -7.58 32.63
C ASN A 29 -15.13 -6.25 31.88
N PHE A 30 -15.78 -6.29 30.73
CA PHE A 30 -16.22 -5.08 30.09
C PHE A 30 -17.49 -4.63 30.79
N TYR A 31 -17.66 -3.31 30.93
CA TYR A 31 -18.94 -2.76 31.41
C TYR A 31 -19.42 -1.68 30.48
N TYR A 32 -20.70 -1.65 30.23
CA TYR A 32 -21.33 -0.49 29.61
C TYR A 32 -22.58 -0.09 30.39
N GLY A 33 -22.56 1.12 30.91
CA GLY A 33 -23.78 1.67 31.53
C GLY A 33 -24.11 0.96 32.82
N GLY A 34 -23.07 0.49 33.49
CA GLY A 34 -23.18 -0.16 34.79
C GLY A 34 -23.13 -1.70 34.77
N GLN A 35 -23.25 -2.32 33.58
CA GLN A 35 -23.45 -3.80 33.44
C GLN A 35 -22.37 -4.54 32.64
N LYS A 36 -22.02 -5.74 33.09
CA LYS A 36 -21.07 -6.58 32.39
C LYS A 36 -21.54 -6.70 30.96
N VAL A 37 -20.63 -6.58 29.99
CA VAL A 37 -20.99 -6.89 28.59
C VAL A 37 -19.98 -7.77 27.92
N PHE A 38 -20.50 -8.61 27.04
CA PHE A 38 -19.75 -9.56 26.23
C PHE A 38 -19.71 -9.01 24.81
N LEU A 39 -18.53 -9.06 24.15
CA LEU A 39 -18.44 -8.51 22.80
C LEU A 39 -18.68 -9.59 21.72
N SER A 40 -19.89 -9.58 21.17
CA SER A 40 -20.27 -10.58 20.19
C SER A 40 -20.36 -9.97 18.81
N GLY A 41 -19.70 -10.60 17.84
CA GLY A 41 -19.57 -10.00 16.55
C GLY A 41 -18.47 -10.54 15.69
N VAL A 42 -17.97 -9.70 14.80
CA VAL A 42 -17.08 -10.13 13.72
C VAL A 42 -15.91 -9.20 13.48
N ASN A 43 -14.91 -9.74 12.80
CA ASN A 43 -13.92 -8.94 12.13
C ASN A 43 -14.40 -8.66 10.72
N PHE A 44 -14.24 -7.42 10.23
CA PHE A 44 -14.61 -7.14 8.85
C PHE A 44 -13.67 -7.88 7.91
N ALA A 45 -12.35 -7.73 8.06
CA ALA A 45 -11.64 -6.72 8.86
C ALA A 45 -11.32 -5.53 7.96
N TRP A 46 -11.66 -5.66 6.68
CA TRP A 46 -11.54 -4.57 5.72
C TRP A 46 -12.51 -4.81 4.57
N ARG A 47 -12.62 -3.84 3.69
CA ARG A 47 -13.29 -4.04 2.41
C ARG A 47 -12.16 -3.98 1.37
N SER A 48 -11.44 -2.88 1.40
CA SER A 48 -10.18 -2.73 0.72
C SER A 48 -8.98 -2.63 1.69
N TYR A 49 -8.02 -3.54 1.53
CA TYR A 49 -6.99 -3.83 2.56
C TYR A 49 -6.05 -2.70 2.80
N GLY A 50 -6.31 -1.89 3.80
CA GLY A 50 -5.42 -0.77 4.09
C GLY A 50 -5.78 0.52 3.38
N SER A 51 -6.74 0.46 2.43
CA SER A 51 -7.31 1.65 1.76
C SER A 51 -8.83 1.96 2.02
N ASP A 52 -9.35 1.62 3.19
CA ASP A 52 -10.75 1.82 3.50
C ASP A 52 -10.99 3.25 3.89
N PHE A 53 -10.06 3.79 4.68
CA PHE A 53 -10.07 5.16 5.10
C PHE A 53 -8.82 5.95 4.64
N GLY A 54 -9.01 7.24 4.38
CA GLY A 54 -7.94 8.12 3.88
C GLY A 54 -8.00 8.27 2.38
N ASN A 55 -7.38 9.35 1.87
CA ASN A 55 -7.22 9.60 0.41
C ASN A 55 -8.54 9.40 -0.33
N GLY A 56 -9.59 9.98 0.25
CA GLY A 56 -10.92 9.91 -0.26
C GLY A 56 -11.41 8.54 -0.64
N GLN A 57 -10.88 7.49 -0.01
CA GLN A 57 -11.19 6.10 -0.42
C GLN A 57 -12.43 5.56 0.26
N TYR A 58 -12.88 6.27 1.28
CA TYR A 58 -14.04 5.87 2.06
C TYR A 58 -15.34 6.02 1.28
N ALA A 59 -15.38 6.94 0.34
CA ALA A 59 -16.57 7.10 -0.54
C ALA A 59 -16.89 5.82 -1.29
N SER A 60 -15.88 5.01 -1.54
CA SER A 60 -16.07 3.78 -2.28
C SER A 60 -16.37 2.63 -1.34
N ASN A 61 -15.56 2.59 -0.30
CA ASN A 61 -15.59 1.49 0.67
C ASN A 61 -16.74 1.56 1.70
N GLY A 62 -17.03 2.77 2.21
CA GLY A 62 -18.05 3.01 3.26
C GLY A 62 -19.43 2.39 3.13
N PRO A 63 -20.05 2.50 1.96
CA PRO A 63 -21.38 1.85 1.84
C PRO A 63 -21.39 0.35 2.11
N ALA A 64 -20.35 -0.37 1.71
CA ALA A 64 -20.31 -1.81 1.97
C ALA A 64 -20.16 -2.06 3.45
N LEU A 65 -19.38 -1.25 4.15
CA LEU A 65 -19.15 -1.59 5.53
C LEU A 65 -20.18 -1.04 6.46
N LYS A 66 -20.90 0.01 6.06
CA LYS A 66 -22.14 0.35 6.73
C LYS A 66 -23.14 -0.80 6.66
N ASP A 67 -23.25 -1.42 5.48
CA ASP A 67 -24.14 -2.56 5.25
C ASP A 67 -23.81 -3.69 6.19
N TRP A 68 -22.50 -4.00 6.20
CA TRP A 68 -21.94 -4.98 7.13
C TRP A 68 -22.22 -4.62 8.58
N ILE A 69 -22.08 -3.35 8.96
CA ILE A 69 -22.46 -3.05 10.34
C ILE A 69 -24.01 -3.32 10.49
N ASN A 70 -24.84 -2.96 9.51
CA ASN A 70 -26.29 -3.33 9.56
C ASN A 70 -26.52 -4.81 9.75
N LYS A 71 -25.72 -5.61 9.06
CA LYS A 71 -25.83 -7.08 9.15
C LYS A 71 -25.51 -7.56 10.56
N VAL A 72 -24.64 -6.85 11.26
CA VAL A 72 -24.34 -7.19 12.64
C VAL A 72 -25.53 -6.86 13.56
N LYS A 73 -26.03 -5.62 13.63
CA LYS A 73 -27.21 -5.33 14.52
C LYS A 73 -28.28 -6.36 14.18
N ALA A 74 -28.58 -6.54 12.90
CA ALA A 74 -29.61 -7.53 12.50
C ALA A 74 -29.41 -8.90 13.19
N SER A 75 -28.16 -9.33 13.33
CA SER A 75 -27.89 -10.66 13.88
C SER A 75 -27.73 -10.69 15.38
N GLY A 76 -28.10 -9.60 16.05
CA GLY A 76 -27.92 -9.48 17.50
C GLY A 76 -26.47 -9.40 17.97
N GLY A 77 -25.54 -9.10 17.06
CA GLY A 77 -24.13 -8.87 17.42
C GLY A 77 -23.92 -7.43 17.88
N ASN A 78 -22.75 -7.12 18.42
CA ASN A 78 -22.55 -5.78 19.01
C ASN A 78 -21.18 -5.18 18.83
N THR A 79 -20.36 -5.75 17.95
CA THR A 79 -18.98 -5.32 17.81
C THR A 79 -18.47 -5.67 16.43
N ALA A 80 -17.67 -4.77 15.88
CA ALA A 80 -16.90 -5.03 14.66
C ALA A 80 -15.45 -4.58 14.86
N ARG A 81 -14.51 -5.47 14.54
CA ARG A 81 -13.08 -5.15 14.55
C ARG A 81 -12.69 -4.83 13.09
N VAL A 82 -12.05 -3.66 12.92
CA VAL A 82 -11.80 -3.16 11.59
C VAL A 82 -10.46 -2.45 11.55
N TRP A 83 -9.72 -2.69 10.47
CA TRP A 83 -8.31 -2.37 10.35
C TRP A 83 -8.12 -1.01 9.69
N VAL A 84 -7.12 -0.24 10.15
CA VAL A 84 -6.88 1.14 9.69
C VAL A 84 -5.57 1.38 8.91
N HIS A 85 -4.45 1.62 9.58
CA HIS A 85 -3.22 1.87 8.82
C HIS A 85 -2.82 0.61 8.01
N VAL A 86 -2.85 -0.54 8.69
CA VAL A 86 -2.49 -1.83 8.06
C VAL A 86 -1.00 -1.85 7.71
N GLU A 87 -0.63 -1.60 6.45
CA GLU A 87 0.76 -1.70 6.01
C GLU A 87 1.14 -0.40 5.35
N GLY A 88 0.62 0.71 5.83
CA GLY A 88 0.96 2.02 5.28
C GLY A 88 0.44 2.34 3.90
N GLN A 89 -0.48 1.55 3.38
CA GLN A 89 -0.87 1.71 2.00
C GLN A 89 -1.44 3.09 1.65
N VAL A 90 -2.16 3.66 2.63
CA VAL A 90 -2.80 4.97 2.54
C VAL A 90 -2.45 5.78 3.78
N SER A 91 -2.54 5.15 4.95
CA SER A 91 -2.20 5.79 6.20
C SER A 91 -1.06 5.15 6.96
N PRO A 92 -0.39 5.90 7.84
CA PRO A 92 -0.31 7.34 7.91
C PRO A 92 0.57 7.86 6.77
N ALA A 93 0.58 9.18 6.53
CA ALA A 93 1.42 9.73 5.45
C ALA A 93 2.86 10.00 5.92
N PHE A 94 3.83 9.49 5.13
CA PHE A 94 5.27 9.66 5.38
C PHE A 94 5.94 10.57 4.36
N ASP A 95 6.84 11.43 4.83
CA ASP A 95 7.73 12.18 3.92
C ASP A 95 8.87 11.30 3.41
N SER A 96 9.69 11.82 2.52
CA SER A 96 10.79 11.07 1.93
C SER A 96 11.84 10.56 2.94
N HIS A 97 12.00 11.26 4.07
CA HIS A 97 12.95 10.83 5.12
C HIS A 97 12.35 9.76 6.07
N GLY A 98 11.08 9.41 5.89
CA GLY A 98 10.42 8.41 6.74
C GLY A 98 9.86 8.95 8.05
N PHE A 99 9.38 10.18 8.02
CA PHE A 99 8.76 10.83 9.16
C PHE A 99 7.31 11.03 8.78
N VAL A 100 6.41 10.90 9.75
CA VAL A 100 4.97 11.05 9.46
C VAL A 100 4.64 12.51 9.35
N THR A 101 4.05 12.91 8.24
CA THR A 101 3.60 14.30 8.05
C THR A 101 2.18 14.47 8.54
N SER A 102 1.39 13.42 8.36
CA SER A 102 -0.03 13.50 8.65
C SER A 102 -0.75 12.15 8.56
N THR A 103 -2.05 12.29 8.63
CA THR A 103 -2.94 11.20 8.76
C THR A 103 -2.98 10.53 7.36
N ASP A 104 -3.22 11.30 6.32
CA ASP A 104 -3.17 10.76 4.97
C ASP A 104 -3.03 11.99 4.07
N SER A 105 -2.51 11.85 2.86
CA SER A 105 -2.11 13.04 2.09
C SER A 105 -3.30 13.96 1.82
N LYS A 106 -4.45 13.36 1.48
CA LYS A 106 -5.73 14.13 1.36
C LYS A 106 -6.33 14.59 2.70
N LYS A 107 -5.76 14.20 3.85
CA LYS A 107 -6.29 14.58 5.18
C LYS A 107 -7.80 14.30 5.33
N THR A 108 -8.16 13.10 4.96
CA THR A 108 -9.52 12.60 4.97
C THR A 108 -9.81 11.59 6.10
N LEU A 109 -8.75 11.01 6.67
CA LEU A 109 -8.91 9.84 7.58
C LEU A 109 -9.84 10.08 8.76
N ILE A 110 -9.62 11.18 9.49
CA ILE A 110 -10.37 11.41 10.72
C ILE A 110 -11.86 11.53 10.40
N ASN A 111 -12.23 12.31 9.39
CA ASN A 111 -13.66 12.33 9.00
C ASN A 111 -14.17 10.96 8.54
N ASP A 112 -13.38 10.25 7.74
CA ASP A 112 -13.79 8.91 7.29
C ASP A 112 -14.09 8.00 8.46
N LEU A 113 -13.19 7.97 9.44
CA LEU A 113 -13.47 7.20 10.65
C LEU A 113 -14.69 7.77 11.41
N SER A 114 -14.70 9.09 11.61
CA SER A 114 -15.80 9.82 12.28
C SER A 114 -17.13 9.36 11.67
N ASP A 115 -17.22 9.37 10.34
CA ASP A 115 -18.46 8.93 9.68
C ASP A 115 -18.86 7.52 10.10
N LEU A 116 -17.89 6.62 10.05
CA LEU A 116 -18.19 5.20 10.23
C LEU A 116 -18.61 4.99 11.65
N LEU A 117 -17.95 5.71 12.57
CA LEU A 117 -18.26 5.57 13.98
C LEU A 117 -19.67 6.08 14.31
N ASP A 118 -20.06 7.20 13.68
CA ASP A 118 -21.40 7.77 13.85
C ASP A 118 -22.47 6.78 13.35
N TYR A 119 -22.14 6.03 12.29
CA TYR A 119 -23.13 5.16 11.65
C TYR A 119 -23.30 3.96 12.54
N ALA A 120 -22.18 3.48 13.04
CA ALA A 120 -22.12 2.30 13.86
C ALA A 120 -22.92 2.49 15.15
N ASN A 121 -22.71 3.65 15.75
CA ASN A 121 -23.49 4.10 16.89
C ASN A 121 -24.97 3.97 16.64
N GLY A 122 -25.44 4.40 15.48
CA GLY A 122 -26.87 4.36 15.18
C GLY A 122 -27.45 2.95 15.14
N GLN A 123 -26.56 1.99 14.91
CA GLN A 123 -26.91 0.58 14.85
C GLN A 123 -26.57 -0.18 16.11
N ASN A 124 -26.18 0.58 17.15
CA ASN A 124 -25.75 -0.02 18.39
C ASN A 124 -24.67 -1.08 18.19
N VAL A 125 -23.61 -0.64 17.50
CA VAL A 125 -22.40 -1.44 17.34
C VAL A 125 -21.11 -0.69 17.71
N PHE A 126 -20.29 -1.41 18.44
CA PHE A 126 -19.02 -0.99 18.85
C PHE A 126 -17.97 -1.31 17.82
N LEU A 127 -17.01 -0.40 17.69
CA LEU A 127 -15.89 -0.63 16.82
C LEU A 127 -14.61 -0.85 17.60
N ILE A 128 -13.80 -1.76 17.12
CA ILE A 128 -12.43 -1.83 17.57
C ILE A 128 -11.61 -1.44 16.36
N LEU A 129 -10.80 -0.40 16.53
CA LEU A 129 -10.00 0.08 15.43
C LEU A 129 -8.62 -0.51 15.61
N VAL A 130 -8.13 -1.26 14.62
CA VAL A 130 -6.77 -1.79 14.75
C VAL A 130 -5.80 -0.97 13.91
N LEU A 131 -4.77 -0.45 14.59
CA LEU A 131 -3.87 0.54 14.02
C LEU A 131 -2.98 -0.05 12.95
N PHE A 132 -2.08 -0.95 13.33
CA PHE A 132 -1.17 -1.58 12.38
C PHE A 132 -1.25 -3.07 12.33
N ASN A 133 -0.84 -3.62 11.22
CA ASN A 133 -0.66 -5.07 11.12
C ASN A 133 0.73 -5.45 11.62
N GLY A 134 0.86 -6.52 12.41
CA GLY A 134 2.15 -7.15 12.71
C GLY A 134 2.27 -8.54 12.10
N ALA A 135 1.16 -9.13 11.70
CA ALA A 135 1.19 -10.44 11.00
C ALA A 135 2.10 -10.35 9.77
N LEU A 136 1.78 -9.37 8.93
CA LEU A 136 2.57 -8.96 7.78
C LEU A 136 2.81 -7.46 8.03
N GLN A 137 3.99 -6.98 7.66
CA GLN A 137 4.27 -5.54 7.73
C GLN A 137 5.39 -5.21 6.75
N ASN A 138 5.02 -5.15 5.48
CA ASN A 138 5.95 -5.10 4.35
C ASN A 138 6.32 -3.69 3.96
N ASN A 139 6.13 -2.73 4.88
CA ASN A 139 6.42 -1.35 4.63
C ASN A 139 7.50 -0.78 5.56
N SER A 140 8.65 -0.46 4.93
CA SER A 140 9.86 0.07 5.56
C SER A 140 9.59 1.20 6.53
N ASN A 141 8.82 2.18 6.08
CA ASN A 141 8.53 3.34 6.90
C ASN A 141 7.86 2.93 8.22
N VAL A 142 6.91 2.00 8.15
CA VAL A 142 6.33 1.46 9.39
C VAL A 142 7.38 0.66 10.18
N GLN A 143 8.10 -0.21 9.46
CA GLN A 143 9.14 -1.01 10.10
C GLN A 143 10.06 -0.13 10.93
N ASN A 144 10.43 1.04 10.41
CA ASN A 144 11.34 1.91 11.15
C ASN A 144 10.68 2.60 12.35
N LEU A 145 9.35 2.60 12.43
CA LEU A 145 8.68 3.08 13.64
C LEU A 145 9.07 2.25 14.87
N PHE A 146 9.35 0.97 14.67
CA PHE A 146 9.85 0.10 15.73
C PHE A 146 11.24 0.43 16.23
N TRP A 147 12.08 1.04 15.41
CA TRP A 147 13.45 1.30 15.81
C TRP A 147 13.76 2.78 16.15
N ASP A 148 13.16 3.73 15.44
CA ASP A 148 13.53 5.16 15.50
C ASP A 148 12.62 5.99 16.42
N GLU A 149 13.13 6.30 17.61
CA GLU A 149 12.35 7.06 18.59
C GLU A 149 11.78 8.36 18.03
N SER A 150 12.51 9.05 17.14
CA SER A 150 12.00 10.35 16.60
C SER A 150 10.90 10.16 15.57
N LYS A 151 11.05 9.10 14.76
CA LYS A 151 10.08 8.82 13.71
C LYS A 151 8.77 8.33 14.31
N LEU A 152 8.85 7.63 15.44
CA LEU A 152 7.65 7.17 16.15
C LEU A 152 6.86 8.33 16.70
N ASN A 153 7.58 9.27 17.31
CA ASN A 153 6.96 10.48 17.78
C ASN A 153 6.33 11.30 16.65
N SER A 154 6.84 11.18 15.43
CA SER A 154 6.21 11.91 14.34
C SER A 154 4.87 11.26 14.13
N TYR A 155 4.85 9.93 14.19
CA TYR A 155 3.58 9.20 14.05
C TYR A 155 2.61 9.68 15.11
N ILE A 156 3.08 9.66 16.34
CA ILE A 156 2.26 10.03 17.46
C ILE A 156 1.70 11.43 17.30
N ASN A 157 2.56 12.37 16.94
CA ASN A 157 2.23 13.79 17.06
C ASN A 157 1.41 14.29 15.90
N ASN A 158 1.78 13.81 14.71
CA ASN A 158 1.18 14.25 13.48
C ASN A 158 0.03 13.41 12.95
N ALA A 159 -0.17 12.23 13.54
CA ALA A 159 -1.30 11.41 13.16
C ALA A 159 -2.10 11.02 14.38
N LEU A 160 -1.47 10.33 15.33
CA LEU A 160 -2.26 9.57 16.34
C LEU A 160 -2.99 10.41 17.38
N THR A 161 -2.23 11.22 18.12
CA THR A 161 -2.82 12.18 19.03
C THR A 161 -4.02 12.91 18.34
N PRO A 162 -3.81 13.44 17.13
CA PRO A 162 -4.97 14.08 16.51
C PRO A 162 -6.14 13.14 16.20
N MET A 163 -5.84 11.90 15.84
CA MET A 163 -6.91 10.90 15.67
C MET A 163 -7.64 10.61 16.99
N VAL A 164 -6.88 10.45 18.06
CA VAL A 164 -7.47 10.17 19.34
C VAL A 164 -8.36 11.33 19.78
N ASN A 165 -7.89 12.56 19.57
CA ASN A 165 -8.60 13.70 20.14
C ASN A 165 -9.90 13.96 19.42
N ALA A 166 -9.94 13.64 18.13
CA ALA A 166 -11.17 13.81 17.36
C ALA A 166 -12.17 12.69 17.61
N LEU A 167 -11.71 11.49 17.94
CA LEU A 167 -12.63 10.36 17.99
C LEU A 167 -13.04 9.90 19.40
N LYS A 168 -12.46 10.53 20.42
CA LYS A 168 -12.62 10.10 21.81
C LYS A 168 -13.96 10.49 22.44
N SER A 169 -14.79 11.24 21.76
CA SER A 169 -16.09 11.58 22.30
C SER A 169 -17.12 10.66 21.67
N LYS A 170 -16.66 9.62 20.99
CA LYS A 170 -17.51 8.76 20.18
C LYS A 170 -17.76 7.42 20.87
N PRO A 171 -18.95 7.28 21.48
CA PRO A 171 -19.15 6.12 22.36
C PRO A 171 -19.07 4.78 21.63
N SER A 172 -19.37 4.85 20.33
CA SER A 172 -19.23 3.77 19.40
C SER A 172 -17.80 3.18 19.31
N LEU A 173 -16.80 3.97 19.70
CA LEU A 173 -15.41 3.52 19.66
C LEU A 173 -15.08 2.79 20.93
N ALA A 174 -15.19 1.47 20.87
CA ALA A 174 -14.95 0.66 22.03
C ALA A 174 -13.48 0.65 22.45
N ALA A 175 -12.58 0.44 21.50
CA ALA A 175 -11.14 0.26 21.81
C ALA A 175 -10.21 0.48 20.62
N TRP A 176 -8.96 0.80 20.93
CA TRP A 176 -7.91 0.88 19.92
C TRP A 176 -7.02 -0.33 20.06
N GLU A 177 -6.64 -0.92 18.94
CA GLU A 177 -5.67 -2.01 18.97
C GLU A 177 -4.39 -1.58 18.25
N VAL A 178 -3.32 -1.61 19.00
CA VAL A 178 -2.08 -1.06 18.49
C VAL A 178 -1.57 -1.86 17.34
N LEU A 179 -1.50 -3.15 17.53
CA LEU A 179 -0.80 -4.00 16.57
C LEU A 179 -1.45 -5.37 16.57
N ASN A 180 -1.68 -5.93 15.39
CA ASN A 180 -2.35 -7.21 15.24
C ASN A 180 -1.29 -8.30 15.02
N GLU A 181 -1.39 -9.39 15.75
CA GLU A 181 -0.43 -10.52 15.62
C GLU A 181 1.04 -10.06 15.53
N PRO A 182 1.52 -9.42 16.60
CA PRO A 182 2.91 -8.95 16.62
C PRO A 182 3.89 -10.08 16.39
N GLU A 183 3.47 -11.31 16.63
CA GLU A 183 4.32 -12.51 16.53
C GLU A 183 4.66 -12.87 15.10
N GLY A 184 3.92 -12.27 14.17
CA GLY A 184 4.15 -12.47 12.75
C GLY A 184 5.51 -11.97 12.28
N THR A 185 5.89 -10.79 12.78
CA THR A 185 7.10 -10.12 12.34
C THR A 185 8.08 -10.07 13.49
N LEU A 186 7.83 -10.92 14.48
CA LEU A 186 8.68 -11.06 15.66
C LEU A 186 9.99 -11.72 15.24
N GLN A 187 11.10 -11.32 15.86
CA GLN A 187 12.42 -11.96 15.70
C GLN A 187 12.75 -12.74 16.98
N PRO A 188 12.50 -14.06 16.98
CA PRO A 188 12.67 -14.77 18.23
C PRO A 188 14.14 -14.95 18.65
N GLY A 189 14.38 -15.13 19.95
CA GLY A 189 15.71 -15.21 20.51
C GLY A 189 15.69 -15.12 22.03
N SER A 190 16.81 -15.47 22.66
CA SER A 190 16.92 -15.46 24.13
C SER A 190 17.16 -14.07 24.72
N ASP A 191 17.00 -13.94 26.05
CA ASP A 191 17.27 -12.70 26.81
C ASP A 191 17.02 -12.99 28.28
N GLN A 192 17.93 -12.57 29.16
CA GLN A 192 17.81 -12.81 30.62
C GLN A 192 16.39 -12.48 31.15
N ASN A 193 15.88 -11.32 30.72
CA ASN A 193 14.54 -10.82 31.08
C ASN A 193 13.45 -11.55 30.27
N SER A 194 12.53 -12.21 30.96
CA SER A 194 11.65 -13.18 30.30
C SER A 194 10.42 -12.57 29.58
N CYS A 195 10.10 -11.31 29.88
CA CYS A 195 9.37 -10.46 28.93
C CYS A 195 9.93 -10.43 27.50
N TYR A 196 11.24 -10.61 27.33
CA TYR A 196 11.86 -10.57 25.99
C TYR A 196 12.28 -11.97 25.46
N ASP A 197 12.41 -12.98 26.32
CA ASP A 197 12.86 -14.30 25.84
C ASP A 197 11.76 -14.96 25.04
N THR A 198 12.04 -15.34 23.80
CA THR A 198 11.01 -15.92 22.91
C THR A 198 11.56 -17.17 22.20
N SER A 199 12.44 -17.86 22.91
CA SER A 199 13.21 -18.93 22.33
C SER A 199 12.36 -20.14 22.03
N THR A 200 11.18 -20.20 22.64
CA THR A 200 10.26 -21.29 22.32
C THR A 200 9.39 -21.06 21.07
N LEU A 201 9.39 -19.85 20.51
CA LEU A 201 8.31 -19.49 19.58
C LEU A 201 8.61 -19.85 18.14
N ALA A 202 9.87 -19.73 17.76
CA ALA A 202 10.28 -20.04 16.41
C ALA A 202 9.65 -21.37 15.96
N ALA A 203 9.86 -22.44 16.73
CA ALA A 203 9.32 -23.76 16.34
C ALA A 203 7.79 -23.84 16.54
N GLN A 204 7.22 -22.92 17.29
CA GLN A 204 5.77 -22.79 17.30
C GLN A 204 5.26 -22.04 16.06
N GLY A 205 6.15 -21.45 15.26
CA GLY A 205 5.81 -20.89 13.95
C GLY A 205 5.77 -19.39 13.85
N ALA A 206 6.13 -18.66 14.92
CA ALA A 206 6.21 -17.21 14.87
C ALA A 206 7.28 -16.85 13.86
N GLY A 207 7.25 -15.58 13.42
CA GLY A 207 8.22 -15.07 12.44
C GLY A 207 7.78 -15.28 11.02
N TRP A 208 6.54 -15.74 10.82
CA TRP A 208 6.10 -16.18 9.48
C TRP A 208 6.06 -15.01 8.47
N GLY A 209 5.92 -13.78 9.01
CA GLY A 209 5.97 -12.59 8.18
C GLY A 209 7.37 -12.08 7.97
N GLY A 210 8.35 -12.85 8.36
CA GLY A 210 9.72 -12.41 8.33
C GLY A 210 10.10 -11.94 9.74
N LYS A 211 11.35 -12.21 10.12
CA LYS A 211 11.77 -12.00 11.48
C LYS A 211 12.42 -10.64 11.63
N LYS A 212 11.58 -9.61 11.83
CA LYS A 212 12.02 -8.21 11.80
C LYS A 212 12.32 -7.56 13.16
N PHE A 213 11.48 -7.81 14.14
CA PHE A 213 11.54 -7.09 15.40
C PHE A 213 11.78 -8.01 16.61
N PRO A 214 12.72 -7.64 17.49
CA PRO A 214 12.79 -8.33 18.76
C PRO A 214 11.67 -7.89 19.71
N MET A 215 11.23 -8.83 20.54
CA MET A 215 10.16 -8.54 21.48
C MET A 215 10.38 -7.19 22.13
N LYS A 216 11.63 -6.88 22.46
CA LYS A 216 11.88 -5.61 23.13
C LYS A 216 11.36 -4.44 22.30
N GLN A 217 11.66 -4.40 21.01
CA GLN A 217 11.19 -3.29 20.18
C GLN A 217 9.68 -3.33 20.02
N ILE A 218 9.16 -4.53 19.75
CA ILE A 218 7.68 -4.69 19.73
C ILE A 218 7.04 -4.04 20.94
N LEU A 219 7.46 -4.44 22.14
CA LEU A 219 6.84 -4.00 23.40
C LEU A 219 7.06 -2.53 23.69
N LYS A 220 8.24 -2.04 23.34
CA LYS A 220 8.56 -0.63 23.49
C LYS A 220 7.64 0.16 22.55
N THR A 221 7.52 -0.33 21.33
CA THR A 221 6.70 0.36 20.35
C THR A 221 5.25 0.40 20.81
N ILE A 222 4.73 -0.71 21.31
CA ILE A 222 3.33 -0.67 21.70
C ILE A 222 3.15 0.12 23.02
N ASN A 223 4.13 0.06 23.91
CA ASN A 223 4.12 0.89 25.12
C ASN A 223 4.00 2.39 24.81
N TRP A 224 4.90 2.89 23.97
CA TRP A 224 4.86 4.29 23.60
C TRP A 224 3.53 4.66 22.98
N ILE A 225 3.01 3.78 22.12
CA ILE A 225 1.79 4.11 21.41
C ILE A 225 0.57 4.18 22.33
N SER A 226 0.41 3.17 23.21
CA SER A 226 -0.65 3.17 24.22
C SER A 226 -0.53 4.40 25.12
N SER A 227 0.71 4.73 25.48
CA SER A 227 0.88 5.81 26.40
C SER A 227 0.21 7.03 25.83
N ALA A 228 0.35 7.24 24.52
CA ALA A 228 -0.04 8.50 23.93
C ALA A 228 -1.55 8.56 23.66
N ILE A 229 -2.11 7.39 23.36
CA ILE A 229 -3.58 7.27 23.34
C ILE A 229 -4.17 7.61 24.72
N HIS A 230 -3.65 6.97 25.77
CA HIS A 230 -4.12 7.26 27.10
C HIS A 230 -3.88 8.74 27.43
N ASN A 231 -2.71 9.28 27.07
CA ASN A 231 -2.45 10.73 27.29
C ASN A 231 -3.59 11.60 26.74
N ALA A 232 -4.05 11.26 25.57
CA ALA A 232 -5.03 12.06 24.85
C ALA A 232 -6.46 11.77 25.32
N ASP A 233 -6.75 10.49 25.57
CA ASP A 233 -8.07 10.00 26.05
C ASP A 233 -7.89 9.05 27.22
N SER A 234 -8.15 9.57 28.42
CA SER A 234 -7.76 8.87 29.65
C SER A 234 -8.53 7.57 29.74
N LYS A 235 -9.83 7.59 29.40
CA LYS A 235 -10.67 6.37 29.48
C LYS A 235 -10.61 5.39 28.28
N ALA A 236 -9.82 5.72 27.25
CA ALA A 236 -9.67 4.85 26.09
C ALA A 236 -9.11 3.45 26.43
N LEU A 237 -9.63 2.48 25.70
CA LEU A 237 -9.32 1.09 25.91
C LEU A 237 -8.32 0.65 24.86
N VAL A 238 -7.24 0.01 25.29
CA VAL A 238 -6.24 -0.40 24.33
C VAL A 238 -6.03 -1.88 24.46
N THR A 239 -5.81 -2.53 23.30
CA THR A 239 -5.50 -3.94 23.26
C THR A 239 -4.41 -4.20 22.22
N VAL A 240 -4.03 -5.47 22.19
CA VAL A 240 -3.14 -6.05 21.25
C VAL A 240 -3.71 -7.48 21.06
N GLY A 241 -3.79 -7.92 19.81
CA GLY A 241 -4.39 -9.23 19.50
C GLY A 241 -3.32 -10.22 19.08
N SER A 242 -2.92 -11.08 20.02
CA SER A 242 -1.92 -12.08 19.68
C SER A 242 -2.46 -13.17 18.78
N TRP A 243 -1.54 -13.78 18.04
CA TRP A 243 -1.93 -14.82 17.08
C TRP A 243 -2.43 -16.09 17.74
N SER A 244 -2.12 -16.28 19.02
CA SER A 244 -2.34 -17.54 19.75
C SER A 244 -2.37 -17.26 21.23
N GLU A 245 -2.93 -18.20 21.98
CA GLU A 245 -2.86 -18.21 23.45
C GLU A 245 -1.43 -18.09 24.03
N LEU A 246 -0.45 -18.66 23.29
CA LEU A 246 0.98 -18.86 23.71
C LEU A 246 1.73 -17.68 24.32
N THR A 247 1.18 -16.50 24.10
CA THR A 247 1.91 -15.30 24.37
C THR A 247 1.09 -14.34 25.23
N GLN A 248 -0.06 -14.79 25.71
CA GLN A 248 -0.86 -13.93 26.59
C GLN A 248 -1.40 -14.65 27.82
N THR A 249 -0.69 -15.70 28.23
CA THR A 249 -0.92 -16.32 29.52
C THR A 249 0.40 -16.73 30.15
N ASP A 250 0.51 -16.61 31.46
CA ASP A 250 1.65 -17.22 32.16
C ASP A 250 1.40 -18.68 32.52
N SER A 251 0.17 -19.13 32.30
CA SER A 251 -0.16 -20.54 32.52
C SER A 251 0.61 -21.51 31.58
N PHE A 252 0.49 -22.80 31.85
CA PHE A 252 0.89 -23.87 30.88
C PHE A 252 2.35 -23.85 30.43
N GLY A 253 3.20 -23.12 31.16
CA GLY A 253 4.59 -22.87 30.77
C GLY A 253 4.78 -21.81 29.69
N TYR A 254 3.68 -21.20 29.26
CA TYR A 254 3.74 -20.13 28.28
C TYR A 254 4.09 -18.83 28.99
N ARG A 255 4.20 -17.76 28.22
CA ARG A 255 4.53 -16.45 28.76
C ARG A 255 3.52 -15.41 28.32
N ASN A 256 3.06 -14.59 29.26
CA ASN A 256 2.25 -13.41 28.94
C ASN A 256 3.21 -12.26 28.67
N HIS A 257 3.48 -11.98 27.39
CA HIS A 257 4.43 -10.95 27.04
C HIS A 257 3.91 -9.53 27.10
N TYR A 258 2.63 -9.33 27.41
CA TYR A 258 2.00 -8.01 27.31
C TYR A 258 1.37 -7.51 28.62
N LYS A 259 1.70 -8.16 29.73
CA LYS A 259 1.30 -7.65 31.06
C LYS A 259 1.89 -6.28 31.36
N ASP A 260 1.15 -5.48 32.12
CA ASP A 260 1.64 -4.17 32.54
C ASP A 260 3.17 -4.16 32.76
N SER A 261 3.70 -4.92 33.73
CA SER A 261 5.17 -4.91 34.04
C SER A 261 6.05 -4.90 32.76
N CYS A 262 5.77 -5.83 31.85
CA CYS A 262 6.56 -5.99 30.63
C CYS A 262 6.56 -4.80 29.67
N LEU A 263 5.37 -4.24 29.41
CA LEU A 263 5.25 -3.11 28.49
C LEU A 263 5.94 -1.91 29.08
N THR A 264 5.60 -1.67 30.33
CA THR A 264 6.07 -0.51 31.08
C THR A 264 7.61 -0.54 31.21
N GLY A 265 8.16 -1.70 31.51
CA GLY A 265 9.61 -1.93 31.47
C GLY A 265 10.27 -1.96 30.10
N ALA A 266 9.53 -1.87 29.01
CA ALA A 266 10.16 -1.85 27.67
C ALA A 266 10.41 -0.42 27.18
N GLY A 267 9.49 0.47 27.50
CA GLY A 267 9.51 1.80 26.92
C GLY A 267 9.37 2.89 27.94
N GLY A 268 9.10 2.49 29.18
CA GLY A 268 9.28 3.37 30.30
C GLY A 268 8.15 4.32 30.43
N LYS A 269 7.06 4.06 29.71
CA LYS A 269 5.89 4.91 29.79
C LYS A 269 4.87 4.13 30.61
N SER A 270 4.50 4.76 31.72
CA SER A 270 3.95 4.05 32.83
C SER A 270 2.48 3.75 32.61
N ASN A 271 1.81 4.60 31.84
CA ASN A 271 0.41 4.39 31.45
C ASN A 271 0.29 3.85 30.02
N GLY A 272 1.30 3.10 29.56
CA GLY A 272 1.29 2.58 28.21
C GLY A 272 0.95 1.13 28.32
N ILE A 273 -0.29 0.88 28.77
CA ILE A 273 -0.75 -0.47 29.05
C ILE A 273 -1.85 -0.92 28.10
N ILE A 274 -2.10 -2.22 28.06
CA ILE A 274 -3.33 -2.68 27.44
C ILE A 274 -4.35 -2.83 28.54
N ASN A 275 -5.60 -2.59 28.21
CA ASN A 275 -6.68 -2.66 29.16
C ASN A 275 -7.40 -3.98 29.13
N PHE A 276 -7.24 -4.72 28.03
CA PHE A 276 -7.80 -6.05 27.84
C PHE A 276 -6.90 -6.91 26.93
N TYR A 277 -6.74 -8.17 27.31
CA TYR A 277 -6.00 -9.13 26.53
C TYR A 277 -6.87 -9.63 25.38
N GLN A 278 -6.23 -10.33 24.46
CA GLN A 278 -6.90 -10.77 23.26
C GLN A 278 -6.10 -11.87 22.61
N MET A 279 -6.69 -13.04 22.54
CA MET A 279 -6.08 -14.13 21.80
C MET A 279 -6.88 -14.39 20.53
N HIS A 280 -6.19 -14.86 19.51
CA HIS A 280 -6.84 -15.35 18.30
C HIS A 280 -6.68 -16.84 18.27
N THR A 281 -7.57 -17.60 17.62
CA THR A 281 -7.43 -19.05 17.68
C THR A 281 -7.99 -19.79 16.46
N TYR A 282 -7.15 -20.69 15.94
CA TYR A 282 -7.42 -21.47 14.76
C TYR A 282 -6.84 -22.91 14.92
N SER A 283 -7.62 -23.91 14.55
CA SER A 283 -7.13 -25.28 14.53
C SER A 283 -6.12 -25.53 13.40
N HIS A 284 -5.33 -26.59 13.52
CA HIS A 284 -4.44 -27.04 12.43
C HIS A 284 -4.78 -28.48 12.09
N SER A 285 -5.16 -28.70 10.85
CA SER A 285 -5.63 -30.02 10.39
C SER A 285 -6.78 -30.50 11.30
N GLY A 286 -7.78 -29.65 11.54
CA GLY A 286 -8.91 -29.99 12.41
C GLY A 286 -8.60 -30.19 13.89
N LYS A 287 -7.43 -29.76 14.38
CA LYS A 287 -7.10 -29.93 15.79
C LYS A 287 -6.62 -28.64 16.42
N TRP A 288 -7.31 -28.21 17.47
CA TRP A 288 -6.90 -27.08 18.29
C TRP A 288 -5.51 -27.31 18.93
N ASN A 289 -4.82 -26.23 19.27
CA ASN A 289 -3.72 -26.32 20.25
C ASN A 289 -4.20 -26.91 21.61
N GLN A 290 -3.28 -27.49 22.37
CA GLN A 290 -3.60 -28.14 23.65
C GLN A 290 -4.47 -27.30 24.59
N ASN A 291 -4.02 -26.08 24.83
CA ASN A 291 -4.66 -25.21 25.81
C ASN A 291 -5.16 -23.95 25.13
N ALA A 292 -5.69 -24.14 23.93
CA ALA A 292 -6.28 -23.08 23.16
C ALA A 292 -7.63 -22.74 23.76
N PRO A 293 -8.17 -21.58 23.43
CA PRO A 293 -9.31 -21.05 24.17
C PRO A 293 -10.59 -21.91 24.21
N PHE A 294 -10.94 -22.55 23.08
CA PHE A 294 -12.12 -23.40 23.01
C PHE A 294 -11.81 -24.80 23.54
N LYS A 295 -10.56 -25.03 23.93
CA LYS A 295 -10.21 -26.24 24.69
C LYS A 295 -10.36 -26.06 26.20
N VAL A 296 -10.51 -24.82 26.65
CA VAL A 296 -10.15 -24.50 28.02
C VAL A 296 -11.08 -23.40 28.61
N ASN A 297 -10.76 -22.90 29.79
CA ASN A 297 -11.46 -21.78 30.45
C ASN A 297 -10.74 -20.48 30.20
N ARG A 298 -11.40 -19.35 30.22
CA ARG A 298 -10.65 -18.08 30.35
C ARG A 298 -9.88 -18.03 31.67
N TRP A 299 -10.42 -18.68 32.68
CA TRP A 299 -9.89 -18.60 34.03
C TRP A 299 -8.57 -19.35 34.06
N ALA A 300 -8.53 -20.44 33.28
CA ALA A 300 -7.31 -21.21 33.09
C ALA A 300 -6.15 -20.30 32.71
N TYR A 301 -6.40 -19.21 31.99
CA TYR A 301 -5.26 -18.39 31.57
C TYR A 301 -4.73 -17.51 32.73
N ASN A 302 -5.39 -17.60 33.88
CA ASN A 302 -4.99 -16.85 35.09
C ASN A 302 -4.66 -15.42 34.71
N VAL A 303 -5.66 -14.72 34.20
CA VAL A 303 -5.42 -13.40 33.61
C VAL A 303 -6.60 -12.43 33.93
N ASN A 304 -7.15 -12.62 35.13
CA ASN A 304 -8.43 -12.11 35.53
C ASN A 304 -8.38 -10.65 35.94
N ASP A 305 -7.16 -10.09 36.08
CA ASP A 305 -6.91 -8.63 36.21
C ASP A 305 -7.55 -7.81 35.05
N LYS A 306 -7.64 -8.43 33.86
CA LYS A 306 -8.16 -7.74 32.67
C LYS A 306 -9.11 -8.65 31.96
N PRO A 307 -10.08 -8.07 31.21
CA PRO A 307 -10.93 -8.85 30.32
C PRO A 307 -10.09 -9.55 29.27
N LEU A 308 -10.59 -10.68 28.75
CA LEU A 308 -9.95 -11.45 27.67
C LEU A 308 -10.96 -11.71 26.52
N LEU A 309 -10.53 -11.37 25.31
CA LEU A 309 -11.40 -11.32 24.17
C LEU A 309 -10.84 -12.39 23.30
N ILE A 310 -11.70 -13.22 22.73
CA ILE A 310 -11.29 -14.05 21.61
C ILE A 310 -11.45 -13.22 20.35
N GLY A 311 -10.33 -12.70 19.85
CA GLY A 311 -10.33 -11.57 18.91
C GLY A 311 -10.60 -11.98 17.49
N GLU A 312 -10.15 -13.19 17.17
CA GLU A 312 -10.52 -13.84 15.91
C GLU A 312 -10.70 -15.34 16.11
N PHE A 313 -11.61 -15.91 15.34
CA PHE A 313 -11.73 -17.36 15.23
C PHE A 313 -12.59 -17.70 14.02
N ALA A 314 -12.61 -18.95 13.58
CA ALA A 314 -13.50 -19.32 12.49
C ALA A 314 -13.99 -20.77 12.54
N SER A 315 -15.30 -20.98 12.30
CA SER A 315 -15.97 -22.32 12.26
C SER A 315 -15.16 -23.29 11.46
N VAL A 316 -14.65 -22.77 10.38
CA VAL A 316 -14.09 -23.53 9.31
C VAL A 316 -12.59 -23.87 9.59
N CYS A 317 -12.01 -23.26 10.63
CA CYS A 317 -10.81 -23.75 11.28
C CYS A 317 -11.06 -23.92 12.77
N SER A 318 -11.84 -24.93 13.09
CA SER A 318 -12.20 -25.24 14.42
C SER A 318 -12.16 -26.74 14.53
N GLN A 319 -12.83 -27.29 15.55
CA GLN A 319 -13.04 -28.75 15.65
C GLN A 319 -14.49 -29.19 15.34
N ASN A 320 -15.09 -28.57 14.33
CA ASN A 320 -16.53 -28.70 14.02
C ASN A 320 -17.54 -28.53 15.12
N GLU A 321 -17.23 -27.79 16.17
CA GLU A 321 -18.24 -27.63 17.19
C GLU A 321 -19.53 -26.96 16.58
N GLY A 322 -19.37 -26.15 15.53
CA GLY A 322 -20.48 -25.41 14.93
C GLY A 322 -20.51 -23.98 15.46
N ILE A 323 -20.48 -23.00 14.56
CA ILE A 323 -20.41 -21.58 14.96
C ILE A 323 -21.16 -21.24 16.21
N GLN A 324 -22.40 -21.67 16.33
CA GLN A 324 -23.20 -21.21 17.47
C GLN A 324 -22.69 -21.77 18.80
N ASN A 325 -22.21 -23.01 18.81
CA ASN A 325 -21.74 -23.57 20.08
C ASN A 325 -20.44 -22.90 20.47
N LEU A 326 -19.71 -22.45 19.45
CA LEU A 326 -18.49 -21.65 19.61
C LEU A 326 -18.83 -20.33 20.30
N TYR A 327 -19.80 -19.59 19.76
CA TYR A 327 -20.22 -18.35 20.38
C TYR A 327 -20.63 -18.63 21.82
N LYS A 328 -21.46 -19.66 21.98
CA LYS A 328 -21.95 -20.10 23.28
C LYS A 328 -20.86 -20.59 24.23
N TYR A 329 -19.84 -21.26 23.70
CA TYR A 329 -18.75 -21.75 24.52
C TYR A 329 -18.02 -20.56 25.12
N ALA A 330 -17.69 -19.59 24.30
CA ALA A 330 -16.99 -18.41 24.75
C ALA A 330 -17.78 -17.64 25.82
N TYR A 331 -19.08 -17.50 25.62
CA TYR A 331 -19.95 -16.82 26.58
C TYR A 331 -20.07 -17.57 27.91
N ASN A 332 -20.07 -18.91 27.83
CA ASN A 332 -20.30 -19.73 29.04
C ASN A 332 -19.06 -20.09 29.82
N ASN A 333 -17.89 -19.91 29.23
CA ASN A 333 -16.66 -20.34 29.89
C ASN A 333 -15.76 -19.18 30.18
N GLY A 334 -16.39 -18.06 30.52
CA GLY A 334 -15.70 -16.94 31.11
C GLY A 334 -15.12 -15.90 30.17
N TYR A 335 -15.24 -16.08 28.86
CA TYR A 335 -14.59 -15.09 28.00
C TYR A 335 -15.42 -13.82 27.90
N ASN A 336 -14.75 -12.72 27.59
CA ASN A 336 -15.42 -11.44 27.53
C ASN A 336 -15.82 -10.99 26.15
N GLY A 337 -15.43 -11.75 25.13
CA GLY A 337 -16.09 -11.63 23.85
C GLY A 337 -15.62 -12.70 22.86
N ALA A 338 -16.22 -12.71 21.66
CA ALA A 338 -15.81 -13.62 20.58
C ALA A 338 -16.17 -13.08 19.20
N LEU A 339 -15.16 -13.07 18.32
CA LEU A 339 -15.23 -12.35 17.04
C LEU A 339 -14.76 -13.23 15.91
N THR A 340 -15.61 -13.42 14.92
CA THR A 340 -15.30 -14.34 13.82
C THR A 340 -14.38 -13.68 12.83
N TRP A 341 -13.74 -14.49 12.01
CA TRP A 341 -12.92 -14.00 10.94
C TRP A 341 -13.43 -14.62 9.60
N GLN A 342 -13.78 -13.83 8.57
CA GLN A 342 -14.01 -12.36 8.65
C GLN A 342 -15.12 -12.07 7.65
N PHE A 343 -15.72 -10.89 7.75
CA PHE A 343 -16.99 -10.67 7.07
C PHE A 343 -16.86 -10.61 5.55
N ASN A 344 -15.79 -10.00 5.05
CA ASN A 344 -15.58 -9.98 3.60
C ASN A 344 -15.27 -11.36 2.96
N SER A 345 -15.12 -12.41 3.80
CA SER A 345 -15.17 -13.82 3.40
C SER A 345 -13.89 -14.27 2.69
N GLY A 346 -12.87 -13.43 2.71
CA GLY A 346 -11.67 -13.69 1.95
C GLY A 346 -10.51 -14.22 2.75
N GLY A 347 -9.80 -15.16 2.13
CA GLY A 347 -8.53 -15.66 2.61
C GLY A 347 -8.63 -16.98 3.35
N ASP A 348 -7.52 -17.35 3.98
CA ASP A 348 -7.44 -18.59 4.69
C ASP A 348 -8.17 -18.47 6.01
N CYS A 349 -8.88 -19.55 6.34
CA CYS A 349 -9.63 -19.69 7.58
C CYS A 349 -10.56 -18.49 7.77
N SER A 350 -11.46 -18.30 6.82
CA SER A 350 -12.52 -17.30 6.91
C SER A 350 -13.87 -17.93 6.74
N ASP A 351 -14.76 -17.58 7.64
CA ASP A 351 -16.14 -18.01 7.51
C ASP A 351 -16.86 -17.20 6.46
N THR A 352 -18.02 -17.74 6.14
CA THR A 352 -19.02 -17.12 5.29
C THR A 352 -19.63 -15.94 6.01
N TYR A 353 -19.84 -14.78 5.37
CA TYR A 353 -20.59 -13.71 6.10
C TYR A 353 -21.93 -14.22 6.64
N SER A 354 -22.51 -15.17 5.93
CA SER A 354 -23.79 -15.74 6.32
C SER A 354 -23.81 -16.52 7.64
N ASN A 355 -22.94 -17.47 7.82
CA ASN A 355 -23.08 -18.22 9.00
C ASN A 355 -22.30 -17.51 10.12
N GLN A 356 -21.39 -16.61 9.79
CA GLN A 356 -21.05 -15.59 10.78
C GLN A 356 -22.30 -14.89 11.35
N MET A 357 -23.32 -14.61 10.51
CA MET A 357 -24.58 -14.05 11.03
C MET A 357 -25.36 -15.06 11.86
N TYR A 358 -25.37 -16.32 11.40
CA TYR A 358 -26.00 -17.40 12.13
C TYR A 358 -25.40 -17.42 13.52
N GLY A 359 -24.07 -17.49 13.57
CA GLY A 359 -23.35 -17.48 14.82
C GLY A 359 -23.80 -16.40 15.79
N MET A 360 -23.83 -15.14 15.36
CA MET A 360 -24.20 -14.08 16.29
C MET A 360 -25.62 -14.28 16.87
N GLN A 361 -26.52 -14.83 16.05
CA GLN A 361 -27.89 -15.09 16.48
C GLN A 361 -27.89 -15.95 17.74
N ALA A 362 -26.88 -16.81 17.88
CA ALA A 362 -26.84 -17.67 19.03
C ALA A 362 -26.90 -16.85 20.30
N LEU A 363 -26.43 -15.61 20.28
CA LEU A 363 -26.50 -14.82 21.52
C LEU A 363 -27.52 -13.66 21.51
N LYS A 364 -28.39 -13.59 20.50
CA LYS A 364 -29.34 -12.48 20.38
C LYS A 364 -29.89 -12.01 21.75
N GLY A 365 -30.62 -12.85 22.47
CA GLY A 365 -31.28 -12.34 23.68
C GLY A 365 -30.36 -11.79 24.79
N GLN A 366 -29.21 -12.45 24.98
CA GLN A 366 -28.58 -12.60 26.28
C GLN A 366 -28.35 -11.34 27.09
N ASN A 367 -28.75 -11.43 28.34
CA ASN A 367 -28.15 -10.65 29.43
C ASN A 367 -28.29 -11.52 30.69
N ASP A 368 -27.15 -11.97 31.22
CA ASP A 368 -27.09 -12.72 32.48
C ASP A 368 -26.00 -12.08 33.33
N GLN A 369 -26.34 -11.45 34.42
CA GLN A 369 -25.28 -10.84 35.23
C GLN A 369 -24.56 -11.81 36.18
N SER A 370 -25.00 -13.08 36.24
CA SER A 370 -24.33 -14.12 37.08
C SER A 370 -22.80 -14.14 36.87
N GLY A 371 -22.04 -14.22 37.98
CA GLY A 371 -20.59 -14.37 37.90
C GLY A 371 -20.26 -15.54 36.98
N GLY A 372 -19.26 -15.37 36.11
CA GLY A 372 -18.85 -16.47 35.21
C GLY A 372 -19.59 -16.63 33.88
N LYS A 373 -20.89 -16.32 33.87
CA LYS A 373 -21.64 -16.15 32.62
C LYS A 373 -21.36 -14.72 32.02
N GLY A 374 -21.64 -14.56 30.73
CA GLY A 374 -21.07 -13.47 29.90
C GLY A 374 -21.56 -12.02 30.02
N GLY A 375 -22.84 -11.84 30.33
CA GLY A 375 -23.39 -10.50 30.54
C GLY A 375 -24.34 -10.03 29.45
N MET A 376 -24.39 -8.72 29.26
CA MET A 376 -25.29 -8.09 28.30
C MET A 376 -24.66 -8.15 26.92
N VAL A 377 -25.48 -8.45 25.93
CA VAL A 377 -25.03 -8.47 24.55
C VAL A 377 -25.59 -7.24 23.83
N SER A 378 -26.91 -7.20 23.64
CA SER A 378 -27.54 -6.11 22.90
C SER A 378 -27.42 -4.85 23.75
N VAL A 379 -26.62 -3.90 23.29
CA VAL A 379 -26.32 -2.74 24.08
C VAL A 379 -27.02 -1.57 23.45
N ASN A 380 -27.52 -0.65 24.28
CA ASN A 380 -28.07 0.62 23.78
C ASN A 380 -26.97 1.64 23.98
N ILE A 381 -26.37 2.03 22.85
CA ILE A 381 -25.22 2.92 22.85
C ILE A 381 -25.73 4.35 22.77
N ASN A 382 -25.38 5.16 23.76
CA ASN A 382 -25.81 6.52 23.71
C ASN A 382 -25.09 7.32 22.66
N HIS A 383 -25.70 8.40 22.28
CA HIS A 383 -25.11 9.33 21.39
C HIS A 383 -23.96 10.10 21.96
N HIS A 384 -23.15 10.57 21.02
CA HIS A 384 -22.40 11.81 21.07
C HIS A 384 -23.17 12.94 21.78
N HIS A 385 -22.58 13.56 22.81
CA HIS A 385 -23.09 14.82 23.42
C HIS A 385 -22.05 15.94 23.20
N HIS A 386 -22.48 17.21 23.15
CA HIS A 386 -21.54 18.33 22.96
C HIS A 386 -21.84 19.49 23.93
N SER B 20 -3.10 -6.07 -36.61
CA SER B 20 -3.23 -4.63 -36.28
C SER B 20 -1.84 -3.98 -36.30
N GLU B 21 -1.78 -2.67 -36.14
CA GLU B 21 -0.52 -1.92 -36.09
C GLU B 21 -0.20 -1.52 -34.65
N PHE B 22 1.08 -1.47 -34.31
CA PHE B 22 1.52 -1.01 -33.00
C PHE B 22 2.61 0.09 -33.12
N LEU B 23 2.79 0.87 -32.05
CA LEU B 23 3.84 1.89 -32.03
C LEU B 23 5.17 1.20 -32.11
N LYS B 24 6.07 1.80 -32.89
CA LYS B 24 7.40 1.27 -33.09
C LYS B 24 8.44 2.29 -32.75
N ALA B 25 9.58 1.81 -32.30
CA ALA B 25 10.79 2.59 -32.24
C ALA B 25 11.71 2.06 -33.31
N SER B 26 12.20 2.97 -34.14
CA SER B 26 13.07 2.58 -35.21
C SER B 26 13.92 3.78 -35.55
N GLY B 27 15.21 3.62 -35.28
CA GLY B 27 16.15 4.72 -35.28
C GLY B 27 15.71 5.78 -34.29
N SER B 28 15.82 7.02 -34.71
CA SER B 28 15.56 8.15 -33.84
C SER B 28 14.09 8.49 -33.62
N ASN B 29 13.17 7.72 -34.22
CA ASN B 29 11.78 8.14 -34.11
C ASN B 29 10.84 7.02 -33.77
N PHE B 30 9.67 7.45 -33.29
CA PHE B 30 8.51 6.61 -33.11
C PHE B 30 7.76 6.60 -34.42
N TYR B 31 7.08 5.50 -34.70
CA TYR B 31 6.26 5.41 -35.89
C TYR B 31 4.94 4.69 -35.59
N TYR B 32 3.88 5.14 -36.22
CA TYR B 32 2.60 4.39 -36.28
C TYR B 32 2.06 4.31 -37.73
N GLY B 33 1.94 3.10 -38.24
CA GLY B 33 1.35 2.86 -39.55
C GLY B 33 2.10 3.56 -40.65
N GLY B 34 3.43 3.43 -40.61
CA GLY B 34 4.28 4.04 -41.62
C GLY B 34 4.75 5.45 -41.33
N GLN B 35 4.21 6.12 -40.30
CA GLN B 35 4.46 7.57 -40.12
C GLN B 35 5.00 8.05 -38.76
N LYS B 36 5.89 9.04 -38.79
CA LYS B 36 6.56 9.52 -37.59
C LYS B 36 5.53 10.18 -36.73
N VAL B 37 5.58 9.83 -35.45
CA VAL B 37 4.63 10.37 -34.49
C VAL B 37 5.44 10.94 -33.36
N PHE B 38 4.93 12.04 -32.82
CA PHE B 38 5.46 12.67 -31.61
C PHE B 38 4.42 12.37 -30.51
N LEU B 39 4.87 12.00 -29.31
CA LEU B 39 3.95 11.68 -28.21
C LEU B 39 3.74 12.91 -27.37
N SER B 40 2.57 13.55 -27.55
CA SER B 40 2.18 14.77 -26.84
C SER B 40 1.08 14.41 -25.89
N GLY B 41 1.25 14.83 -24.65
CA GLY B 41 0.29 14.49 -23.61
C GLY B 41 0.81 14.73 -22.20
N VAL B 42 0.35 13.86 -21.31
CA VAL B 42 0.48 14.08 -19.89
C VAL B 42 0.72 12.77 -19.14
N ASN B 43 1.30 12.93 -17.97
CA ASN B 43 1.23 11.95 -16.92
C ASN B 43 -0.07 12.15 -16.14
N PHE B 44 -0.74 11.04 -15.83
CA PHE B 44 -1.93 11.11 -14.97
C PHE B 44 -1.58 11.51 -13.56
N ALA B 45 -0.62 10.86 -12.89
CA ALA B 45 -0.02 9.56 -13.23
C ALA B 45 -0.81 8.45 -12.56
N TRP B 46 -1.60 8.84 -11.57
CA TRP B 46 -2.49 7.93 -10.90
C TRP B 46 -3.77 8.67 -10.53
N ARG B 47 -4.83 7.91 -10.28
CA ARG B 47 -6.05 8.42 -9.62
C ARG B 47 -6.00 8.14 -8.14
N SER B 48 -5.89 6.85 -7.82
CA SER B 48 -5.46 6.39 -6.51
C SER B 48 -4.03 5.81 -6.58
N TYR B 49 -3.14 6.31 -5.73
CA TYR B 49 -1.72 5.99 -5.84
C TYR B 49 -1.46 4.53 -5.48
N GLY B 50 -1.18 3.71 -6.48
CA GLY B 50 -0.98 2.28 -6.32
C GLY B 50 -2.22 1.40 -6.33
N SER B 51 -3.41 2.02 -6.22
CA SER B 51 -4.71 1.31 -6.17
C SER B 51 -5.69 1.72 -7.26
N ASP B 52 -5.19 1.98 -8.47
CA ASP B 52 -6.04 2.27 -9.62
C ASP B 52 -6.47 0.96 -10.26
N PHE B 53 -5.63 -0.06 -10.19
CA PHE B 53 -5.95 -1.33 -10.88
C PHE B 53 -5.73 -2.51 -9.97
N GLY B 54 -6.58 -3.54 -10.10
CA GLY B 54 -6.49 -4.71 -9.23
C GLY B 54 -7.34 -4.55 -8.00
N ASN B 55 -7.66 -5.71 -7.40
CA ASN B 55 -8.56 -5.81 -6.22
C ASN B 55 -9.82 -5.00 -6.40
N GLY B 56 -10.40 -5.08 -7.60
CA GLY B 56 -11.62 -4.36 -7.98
C GLY B 56 -11.66 -2.85 -7.69
N GLN B 57 -10.50 -2.22 -7.47
CA GLN B 57 -10.40 -0.77 -7.26
C GLN B 57 -10.68 0.03 -8.52
N TYR B 58 -10.44 -0.58 -9.68
CA TYR B 58 -10.72 0.07 -10.95
C TYR B 58 -12.17 0.47 -11.06
N ALA B 59 -13.08 -0.31 -10.48
CA ALA B 59 -14.51 0.09 -10.60
C ALA B 59 -14.76 1.49 -10.07
N SER B 60 -14.00 1.91 -9.06
CA SER B 60 -14.19 3.26 -8.51
C SER B 60 -13.29 4.30 -9.15
N ASN B 61 -12.08 3.94 -9.57
CA ASN B 61 -11.16 4.90 -10.15
C ASN B 61 -11.27 5.06 -11.68
N GLY B 62 -11.63 3.98 -12.38
CA GLY B 62 -11.76 3.96 -13.83
C GLY B 62 -12.55 5.07 -14.52
N PRO B 63 -13.74 5.38 -13.99
CA PRO B 63 -14.46 6.53 -14.53
C PRO B 63 -13.63 7.81 -14.59
N ALA B 64 -12.91 8.14 -13.54
CA ALA B 64 -12.17 9.41 -13.54
C ALA B 64 -11.02 9.35 -14.53
N LEU B 65 -10.39 8.21 -14.64
CA LEU B 65 -9.27 8.20 -15.58
C LEU B 65 -9.69 8.02 -17.04
N LYS B 66 -10.93 7.60 -17.27
CA LYS B 66 -11.51 7.67 -18.61
C LYS B 66 -11.82 9.09 -19.01
N ASP B 67 -12.25 9.87 -18.04
CA ASP B 67 -12.51 11.29 -18.23
C ASP B 67 -11.20 11.98 -18.54
N TRP B 68 -10.14 11.58 -17.84
CA TRP B 68 -8.84 12.18 -18.10
C TRP B 68 -8.39 11.91 -19.50
N ILE B 69 -8.52 10.68 -19.98
CA ILE B 69 -8.14 10.41 -21.36
C ILE B 69 -9.10 11.19 -22.34
N ASN B 70 -10.40 11.35 -22.02
CA ASN B 70 -11.27 12.19 -22.87
C ASN B 70 -10.69 13.57 -23.05
N LYS B 71 -10.22 14.14 -21.95
CA LYS B 71 -9.64 15.46 -21.94
C LYS B 71 -8.35 15.57 -22.78
N VAL B 72 -7.54 14.52 -22.83
CA VAL B 72 -6.36 14.52 -23.69
C VAL B 72 -6.76 14.60 -25.18
N LYS B 73 -7.62 13.71 -25.70
CA LYS B 73 -8.00 13.77 -27.15
C LYS B 73 -8.52 15.19 -27.48
N ALA B 74 -9.55 15.61 -26.77
CA ALA B 74 -10.14 16.91 -26.99
C ALA B 74 -9.07 18.00 -27.05
N SER B 75 -8.00 17.85 -26.30
CA SER B 75 -6.95 18.87 -26.31
C SER B 75 -5.90 18.64 -27.40
N GLY B 76 -6.09 17.57 -28.20
CA GLY B 76 -5.16 17.22 -29.28
C GLY B 76 -3.93 16.47 -28.82
N GLY B 77 -3.93 16.06 -27.55
CA GLY B 77 -2.92 15.16 -27.02
C GLY B 77 -3.18 13.76 -27.52
N ASN B 78 -2.17 12.90 -27.42
CA ASN B 78 -2.29 11.53 -27.90
C ASN B 78 -1.63 10.53 -26.98
N THR B 79 -1.19 10.98 -25.79
CA THR B 79 -0.50 10.07 -24.91
C THR B 79 -0.73 10.36 -23.45
N ALA B 80 -1.10 9.33 -22.68
CA ALA B 80 -1.03 9.40 -21.22
C ALA B 80 -0.08 8.37 -20.62
N ARG B 81 0.75 8.80 -19.65
CA ARG B 81 1.53 7.88 -18.85
C ARG B 81 0.83 7.64 -17.54
N VAL B 82 0.65 6.36 -17.18
CA VAL B 82 -0.12 5.97 -16.00
C VAL B 82 0.58 4.84 -15.25
N TRP B 83 0.55 4.89 -13.93
CA TRP B 83 1.37 4.01 -13.08
C TRP B 83 0.56 2.84 -12.58
N VAL B 84 1.23 1.72 -12.36
CA VAL B 84 0.56 0.42 -12.06
C VAL B 84 0.86 -0.24 -10.70
N HIS B 85 2.01 -0.92 -10.54
CA HIS B 85 2.31 -1.54 -9.24
C HIS B 85 2.71 -0.49 -8.22
N VAL B 86 3.48 0.51 -8.64
CA VAL B 86 3.89 1.65 -7.79
C VAL B 86 4.74 1.14 -6.63
N GLU B 87 4.15 1.03 -5.43
CA GLU B 87 4.85 0.44 -4.31
C GLU B 87 4.19 -0.79 -3.70
N GLY B 88 3.55 -1.61 -4.53
CA GLY B 88 2.95 -2.84 -4.02
C GLY B 88 1.68 -2.72 -3.18
N GLN B 89 1.02 -1.56 -3.22
CA GLN B 89 -0.16 -1.36 -2.39
C GLN B 89 -1.21 -2.39 -2.74
N VAL B 90 -1.35 -2.62 -4.04
CA VAL B 90 -2.30 -3.60 -4.57
C VAL B 90 -1.67 -4.64 -5.46
N SER B 91 -0.58 -4.27 -6.11
CA SER B 91 -0.01 -5.07 -7.18
C SER B 91 1.54 -5.06 -7.12
N PRO B 92 2.20 -6.18 -7.40
CA PRO B 92 1.63 -7.50 -7.53
C PRO B 92 1.38 -8.04 -6.11
N ALA B 93 0.82 -9.26 -6.03
CA ALA B 93 0.47 -9.91 -4.77
C ALA B 93 1.59 -10.87 -4.31
N PHE B 94 1.98 -10.70 -3.04
CA PHE B 94 3.06 -11.43 -2.41
C PHE B 94 2.62 -12.42 -1.31
N ASP B 95 3.28 -13.58 -1.22
CA ASP B 95 3.02 -14.50 -0.11
C ASP B 95 3.85 -14.10 1.11
N SER B 96 3.57 -14.69 2.26
CA SER B 96 4.22 -14.26 3.47
C SER B 96 5.73 -14.34 3.34
N HIS B 97 6.22 -15.30 2.56
CA HIS B 97 7.66 -15.50 2.36
C HIS B 97 8.23 -14.47 1.40
N GLY B 98 7.38 -13.82 0.61
CA GLY B 98 7.83 -12.74 -0.28
C GLY B 98 7.99 -13.15 -1.73
N PHE B 99 7.19 -14.11 -2.17
CA PHE B 99 7.20 -14.51 -3.57
C PHE B 99 5.89 -14.10 -4.23
N VAL B 100 5.97 -13.78 -5.51
CA VAL B 100 4.77 -13.36 -6.20
C VAL B 100 3.91 -14.58 -6.49
N THR B 101 2.64 -14.49 -6.13
CA THR B 101 1.67 -15.56 -6.32
C THR B 101 0.83 -15.23 -7.52
N SER B 102 0.73 -13.94 -7.81
CA SER B 102 -0.30 -13.44 -8.70
C SER B 102 -0.26 -11.95 -8.95
N THR B 103 -1.17 -11.57 -9.82
CA THR B 103 -1.36 -10.20 -10.27
C THR B 103 -1.85 -9.28 -9.12
N ASP B 104 -2.88 -9.73 -8.42
CA ASP B 104 -3.49 -9.02 -7.27
C ASP B 104 -4.44 -10.01 -6.61
N SER B 105 -4.65 -9.90 -5.30
CA SER B 105 -5.38 -10.96 -4.60
C SER B 105 -6.71 -11.35 -5.28
N LYS B 106 -7.32 -10.40 -5.99
CA LYS B 106 -8.61 -10.57 -6.67
C LYS B 106 -8.52 -10.94 -8.16
N LYS B 107 -7.30 -10.95 -8.71
CA LYS B 107 -7.02 -11.10 -10.14
C LYS B 107 -7.94 -10.29 -11.08
N THR B 108 -8.12 -9.05 -10.71
CA THR B 108 -8.79 -8.04 -11.53
C THR B 108 -7.81 -7.27 -12.46
N LEU B 109 -6.53 -7.22 -12.12
CA LEU B 109 -5.61 -6.30 -12.79
C LEU B 109 -5.68 -6.33 -14.33
N ILE B 110 -5.61 -7.50 -14.91
CA ILE B 110 -5.45 -7.62 -16.33
C ILE B 110 -6.72 -7.17 -17.05
N ASN B 111 -7.87 -7.60 -16.52
CA ASN B 111 -9.18 -7.01 -16.84
C ASN B 111 -9.20 -5.49 -16.74
N ASP B 112 -8.85 -4.97 -15.59
CA ASP B 112 -8.87 -3.53 -15.40
C ASP B 112 -8.04 -2.78 -16.42
N LEU B 113 -6.85 -3.27 -16.73
CA LEU B 113 -5.98 -2.60 -17.73
C LEU B 113 -6.44 -2.79 -19.19
N SER B 114 -7.03 -3.94 -19.44
CA SER B 114 -7.68 -4.21 -20.71
C SER B 114 -8.76 -3.17 -20.94
N ASP B 115 -9.63 -3.02 -19.95
CA ASP B 115 -10.68 -2.04 -20.09
C ASP B 115 -10.19 -0.66 -20.51
N LEU B 116 -9.22 -0.14 -19.76
CA LEU B 116 -8.71 1.21 -20.00
C LEU B 116 -7.97 1.30 -21.32
N LEU B 117 -7.26 0.24 -21.68
CA LEU B 117 -6.55 0.22 -22.95
C LEU B 117 -7.53 0.28 -24.11
N ASP B 118 -8.66 -0.39 -23.93
CA ASP B 118 -9.74 -0.39 -24.93
C ASP B 118 -10.33 0.99 -25.06
N TYR B 119 -10.52 1.63 -23.91
CA TYR B 119 -11.08 2.93 -23.90
C TYR B 119 -10.12 3.90 -24.63
N ALA B 120 -8.82 3.78 -24.35
CA ALA B 120 -7.85 4.75 -24.89
C ALA B 120 -7.76 4.63 -26.41
N ASN B 121 -7.87 3.40 -26.84
CA ASN B 121 -7.94 3.07 -28.24
C ASN B 121 -9.14 3.79 -28.86
N GLY B 122 -10.33 3.56 -28.31
CA GLY B 122 -11.52 4.34 -28.68
C GLY B 122 -11.27 5.83 -28.87
N GLN B 123 -10.53 6.46 -27.97
CA GLN B 123 -10.21 7.89 -28.09
C GLN B 123 -8.89 8.22 -28.82
N ASN B 124 -8.28 7.22 -29.44
CA ASN B 124 -7.03 7.40 -30.17
C ASN B 124 -5.90 7.98 -29.30
N VAL B 125 -5.79 7.47 -28.09
CA VAL B 125 -4.71 7.87 -27.21
C VAL B 125 -3.79 6.68 -26.86
N PHE B 126 -2.53 6.93 -26.58
CA PHE B 126 -1.63 5.89 -26.17
C PHE B 126 -1.40 5.97 -24.71
N LEU B 127 -1.18 4.80 -24.12
CA LEU B 127 -0.74 4.67 -22.74
C LEU B 127 0.66 4.09 -22.65
N ILE B 128 1.43 4.71 -21.76
CA ILE B 128 2.69 4.17 -21.23
C ILE B 128 2.38 3.68 -19.83
N LEU B 129 2.53 2.37 -19.63
CA LEU B 129 2.27 1.80 -18.31
C LEU B 129 3.59 1.67 -17.57
N VAL B 130 3.65 2.22 -16.37
CA VAL B 130 4.88 2.11 -15.59
C VAL B 130 4.63 1.16 -14.43
N LEU B 131 5.47 0.12 -14.40
CA LEU B 131 5.34 -0.97 -13.46
C LEU B 131 5.64 -0.53 -12.01
N PHE B 132 6.89 -0.19 -11.72
CA PHE B 132 7.30 0.19 -10.36
C PHE B 132 7.83 1.60 -10.28
N ASN B 133 7.82 2.11 -9.05
CA ASN B 133 8.44 3.35 -8.70
C ASN B 133 9.87 3.08 -8.21
N GLY B 134 10.81 3.87 -8.73
CA GLY B 134 12.15 4.04 -8.16
C GLY B 134 12.38 5.30 -7.31
N ALA B 135 11.57 6.34 -7.48
CA ALA B 135 11.77 7.58 -6.73
C ALA B 135 11.63 7.33 -5.24
N LEU B 136 10.52 6.70 -4.92
CA LEU B 136 10.24 6.19 -3.60
C LEU B 136 9.94 4.71 -3.79
N GLN B 137 10.29 3.86 -2.83
CA GLN B 137 9.91 2.42 -2.90
C GLN B 137 10.03 1.79 -1.55
N ASN B 138 8.99 1.93 -0.73
CA ASN B 138 9.02 1.55 0.68
C ASN B 138 8.46 0.13 0.97
N ASN B 139 8.09 -0.59 -0.05
CA ASN B 139 7.71 -1.98 0.13
C ASN B 139 8.92 -2.94 0.16
N SER B 140 9.10 -3.70 1.23
CA SER B 140 10.26 -4.60 1.26
C SER B 140 10.09 -5.77 0.27
N ASN B 141 8.86 -6.15 -0.04
CA ASN B 141 8.71 -7.22 -1.00
C ASN B 141 9.21 -6.74 -2.35
N VAL B 142 9.02 -5.43 -2.65
CA VAL B 142 9.47 -4.88 -3.95
C VAL B 142 10.99 -4.66 -3.96
N GLN B 143 11.50 -4.03 -2.92
CA GLN B 143 12.95 -3.99 -2.68
C GLN B 143 13.61 -5.31 -3.00
N ASN B 144 13.11 -6.38 -2.41
CA ASN B 144 13.78 -7.67 -2.48
C ASN B 144 13.79 -8.29 -3.86
N LEU B 145 13.08 -7.67 -4.79
CA LEU B 145 13.06 -8.13 -6.17
C LEU B 145 14.32 -7.71 -6.88
N PHE B 146 14.97 -6.69 -6.33
CA PHE B 146 16.24 -6.18 -6.85
C PHE B 146 17.42 -6.95 -6.30
N TRP B 147 17.21 -7.91 -5.39
CA TRP B 147 18.33 -8.66 -4.81
C TRP B 147 18.22 -10.18 -5.01
N ASP B 148 17.04 -10.75 -4.81
CA ASP B 148 16.85 -12.20 -4.75
C ASP B 148 16.31 -12.67 -6.09
N GLU B 149 17.21 -13.23 -6.92
CA GLU B 149 16.84 -13.72 -8.26
C GLU B 149 15.55 -14.57 -8.34
N SER B 150 15.29 -15.42 -7.35
CA SER B 150 14.12 -16.31 -7.48
C SER B 150 12.85 -15.55 -7.09
N LYS B 151 13.01 -14.50 -6.29
CA LYS B 151 11.86 -13.65 -5.96
C LYS B 151 11.44 -12.86 -7.19
N LEU B 152 12.42 -12.37 -7.97
CA LEU B 152 12.11 -11.67 -9.20
C LEU B 152 11.46 -12.61 -10.19
N ASN B 153 11.96 -13.84 -10.31
CA ASN B 153 11.37 -14.76 -11.28
C ASN B 153 9.93 -15.06 -10.90
N SER B 154 9.63 -15.07 -9.61
CA SER B 154 8.23 -15.25 -9.20
C SER B 154 7.36 -14.10 -9.70
N TYR B 155 7.89 -12.86 -9.68
CA TYR B 155 7.16 -11.69 -10.22
C TYR B 155 7.00 -11.86 -11.72
N ILE B 156 8.10 -12.18 -12.38
CA ILE B 156 8.01 -12.45 -13.81
C ILE B 156 7.02 -13.56 -14.11
N ASN B 157 7.22 -14.71 -13.50
CA ASN B 157 6.42 -15.86 -13.88
C ASN B 157 4.94 -15.70 -13.53
N ASN B 158 4.66 -15.22 -12.34
CA ASN B 158 3.28 -15.22 -11.84
C ASN B 158 2.50 -13.92 -12.01
N ALA B 159 3.12 -12.91 -12.58
CA ALA B 159 2.40 -11.66 -12.79
C ALA B 159 2.77 -11.05 -14.12
N LEU B 160 4.06 -10.79 -14.31
CA LEU B 160 4.47 -9.97 -15.46
C LEU B 160 4.15 -10.61 -16.79
N THR B 161 4.73 -11.78 -17.05
CA THR B 161 4.46 -12.50 -18.30
C THR B 161 2.93 -12.64 -18.51
N PRO B 162 2.17 -12.98 -17.44
CA PRO B 162 0.70 -12.96 -17.63
C PRO B 162 0.21 -11.65 -18.22
N MET B 163 0.71 -10.55 -17.65
CA MET B 163 0.27 -9.22 -18.04
C MET B 163 0.62 -8.96 -19.48
N VAL B 164 1.87 -9.19 -19.82
CA VAL B 164 2.34 -8.94 -21.18
C VAL B 164 1.60 -9.83 -22.17
N ASN B 165 1.37 -11.09 -21.85
CA ASN B 165 0.63 -11.95 -22.78
C ASN B 165 -0.83 -11.52 -23.02
N ALA B 166 -1.52 -11.06 -21.98
CA ALA B 166 -2.88 -10.60 -22.19
C ALA B 166 -2.89 -9.28 -22.94
N LEU B 167 -1.93 -8.41 -22.64
CA LEU B 167 -2.02 -7.02 -23.12
C LEU B 167 -1.23 -6.72 -24.38
N LYS B 168 -0.49 -7.70 -24.87
CA LYS B 168 0.25 -7.53 -26.13
C LYS B 168 -0.62 -7.36 -27.35
N SER B 169 -1.89 -7.72 -27.27
CA SER B 169 -2.76 -7.60 -28.45
C SER B 169 -3.46 -6.25 -28.50
N LYS B 170 -3.05 -5.35 -27.62
CA LYS B 170 -3.67 -4.05 -27.43
C LYS B 170 -2.86 -2.90 -28.13
N PRO B 171 -3.42 -2.31 -29.20
CA PRO B 171 -2.67 -1.26 -29.93
C PRO B 171 -2.54 0.04 -29.17
N SER B 172 -3.44 0.30 -28.24
CA SER B 172 -3.32 1.51 -27.42
C SER B 172 -2.14 1.46 -26.41
N LEU B 173 -1.57 0.28 -26.21
CA LEU B 173 -0.47 0.14 -25.28
C LEU B 173 0.83 0.45 -25.96
N ALA B 174 1.36 1.64 -25.73
CA ALA B 174 2.53 2.13 -26.48
C ALA B 174 3.82 1.52 -26.02
N ALA B 175 3.96 1.44 -24.70
CA ALA B 175 5.17 0.90 -24.07
C ALA B 175 4.99 0.52 -22.57
N TRP B 176 5.93 -0.26 -22.07
CA TRP B 176 5.98 -0.65 -20.69
C TRP B 176 7.20 0.02 -20.10
N GLU B 177 7.02 0.78 -19.02
CA GLU B 177 8.17 1.36 -18.31
C GLU B 177 8.53 0.59 -17.05
N VAL B 178 9.75 0.06 -17.02
CA VAL B 178 10.10 -0.82 -15.94
C VAL B 178 10.10 -0.05 -14.63
N LEU B 179 10.73 1.13 -14.55
CA LEU B 179 10.92 1.73 -13.23
C LEU B 179 10.98 3.26 -13.30
N ASN B 180 10.12 3.95 -12.55
CA ASN B 180 10.15 5.41 -12.64
C ASN B 180 11.30 5.92 -11.79
N GLU B 181 12.20 6.70 -12.38
CA GLU B 181 13.27 7.39 -11.65
C GLU B 181 14.11 6.48 -10.77
N PRO B 182 14.75 5.48 -11.35
CA PRO B 182 15.64 4.58 -10.56
C PRO B 182 16.58 5.29 -9.57
N GLU B 183 16.90 6.52 -9.90
CA GLU B 183 17.87 7.32 -9.17
C GLU B 183 17.43 7.65 -7.75
N GLY B 184 16.13 7.59 -7.47
CA GLY B 184 15.61 8.00 -6.16
C GLY B 184 15.95 7.07 -5.00
N THR B 185 16.05 5.77 -5.36
CA THR B 185 16.36 4.72 -4.41
C THR B 185 17.71 4.08 -4.70
N LEU B 186 18.52 4.78 -5.49
CA LEU B 186 19.89 4.37 -5.82
C LEU B 186 20.75 4.50 -4.60
N GLN B 187 21.74 3.61 -4.48
CA GLN B 187 22.84 3.77 -3.51
C GLN B 187 24.10 4.15 -4.26
N PRO B 188 24.39 5.46 -4.35
CA PRO B 188 25.56 5.93 -5.08
C PRO B 188 26.85 5.31 -4.57
N GLY B 189 27.74 4.94 -5.48
CA GLY B 189 28.98 4.29 -5.14
C GLY B 189 29.94 4.32 -6.31
N SER B 190 31.21 4.06 -6.01
CA SER B 190 32.30 3.99 -6.98
C SER B 190 32.36 2.60 -7.58
N ASP B 191 32.74 2.52 -8.85
CA ASP B 191 33.02 1.22 -9.45
C ASP B 191 33.99 1.30 -10.65
N GLN B 192 34.76 0.21 -10.81
CA GLN B 192 35.66 0.00 -11.96
C GLN B 192 34.89 0.11 -13.29
N ASN B 193 33.73 -0.56 -13.35
CA ASN B 193 32.80 -0.50 -14.49
C ASN B 193 32.04 0.85 -14.54
N SER B 194 32.15 1.57 -15.65
CA SER B 194 31.56 2.90 -15.70
C SER B 194 30.02 2.88 -15.84
N CYS B 195 29.48 1.73 -16.25
CA CYS B 195 28.04 1.47 -16.14
C CYS B 195 27.54 1.50 -14.70
N TYR B 196 28.37 1.12 -13.75
CA TYR B 196 27.95 1.07 -12.37
C TYR B 196 28.48 2.25 -11.53
N ASP B 197 29.31 3.12 -12.08
CA ASP B 197 29.93 4.14 -11.25
C ASP B 197 28.96 5.28 -11.15
N THR B 198 28.69 5.73 -9.92
CA THR B 198 27.73 6.80 -9.67
C THR B 198 28.26 7.75 -8.59
N SER B 199 29.59 7.91 -8.59
CA SER B 199 30.26 8.72 -7.57
C SER B 199 30.03 10.23 -7.76
N THR B 200 29.25 10.61 -8.77
CA THR B 200 28.94 12.01 -9.02
C THR B 200 27.54 12.35 -8.63
N LEU B 201 26.71 11.34 -8.37
CA LEU B 201 25.26 11.55 -8.21
C LEU B 201 24.78 11.88 -6.79
N ALA B 202 25.48 11.38 -5.77
CA ALA B 202 25.05 11.71 -4.41
C ALA B 202 25.00 13.20 -4.37
N ALA B 203 26.06 13.84 -4.85
CA ALA B 203 26.13 15.30 -4.92
C ALA B 203 24.97 15.98 -5.66
N GLN B 204 24.39 15.33 -6.67
CA GLN B 204 23.37 15.96 -7.49
C GLN B 204 21.95 15.69 -6.99
N GLY B 205 21.82 15.16 -5.78
CA GLY B 205 20.52 14.94 -5.14
C GLY B 205 19.95 13.52 -5.18
N ALA B 206 20.69 12.57 -5.77
CA ALA B 206 20.23 11.19 -5.90
C ALA B 206 20.08 10.52 -4.54
N GLY B 207 19.24 9.49 -4.47
CA GLY B 207 19.01 8.78 -3.23
C GLY B 207 17.98 9.44 -2.34
N TRP B 208 17.31 10.46 -2.81
CA TRP B 208 16.43 11.23 -1.93
C TRP B 208 15.38 10.39 -1.26
N GLY B 209 15.09 9.22 -1.84
CA GLY B 209 14.13 8.23 -1.29
C GLY B 209 14.71 7.02 -0.53
N GLY B 210 16.03 7.05 -0.32
CA GLY B 210 16.73 6.01 0.43
C GLY B 210 17.76 5.33 -0.47
N LYS B 211 18.98 5.24 0.05
CA LYS B 211 20.08 4.72 -0.70
C LYS B 211 20.13 3.22 -0.53
N LYS B 212 19.28 2.55 -1.33
CA LYS B 212 18.98 1.14 -1.22
C LYS B 212 19.56 0.25 -2.31
N PHE B 213 19.78 0.77 -3.51
CA PHE B 213 20.15 -0.08 -4.63
C PHE B 213 21.41 0.37 -5.35
N PRO B 214 22.44 -0.50 -5.40
CA PRO B 214 23.56 -0.33 -6.32
C PRO B 214 23.06 -0.25 -7.73
N MET B 215 23.77 0.53 -8.56
CA MET B 215 23.40 0.63 -9.97
C MET B 215 23.34 -0.76 -10.60
N LYS B 216 24.30 -1.59 -10.21
CA LYS B 216 24.38 -2.90 -10.75
C LYS B 216 23.06 -3.66 -10.57
N GLN B 217 22.47 -3.59 -9.38
CA GLN B 217 21.23 -4.33 -9.08
C GLN B 217 20.02 -3.69 -9.79
N ILE B 218 20.08 -2.39 -10.00
CA ILE B 218 19.03 -1.71 -10.72
C ILE B 218 19.04 -2.21 -12.17
N LEU B 219 20.19 -2.06 -12.82
CA LEU B 219 20.31 -2.40 -14.24
C LEU B 219 20.00 -3.85 -14.53
N LYS B 220 20.24 -4.69 -13.54
CA LYS B 220 20.06 -6.12 -13.70
C LYS B 220 18.59 -6.39 -13.59
N THR B 221 17.97 -5.72 -12.62
CA THR B 221 16.57 -5.96 -12.39
C THR B 221 15.86 -5.55 -13.65
N ILE B 222 16.15 -4.32 -14.12
CA ILE B 222 15.50 -3.84 -15.34
C ILE B 222 15.90 -4.68 -16.58
N ASN B 223 17.11 -5.24 -16.60
CA ASN B 223 17.48 -6.21 -17.65
C ASN B 223 16.53 -7.39 -17.70
N TRP B 224 16.29 -8.01 -16.55
CA TRP B 224 15.49 -9.24 -16.49
C TRP B 224 14.04 -8.96 -16.82
N ILE B 225 13.52 -7.86 -16.27
CA ILE B 225 12.13 -7.51 -16.56
C ILE B 225 11.93 -7.18 -18.03
N SER B 226 12.86 -6.39 -18.60
CA SER B 226 12.76 -6.03 -20.00
C SER B 226 12.83 -7.29 -20.83
N SER B 227 13.73 -8.20 -20.48
CA SER B 227 13.80 -9.47 -21.20
C SER B 227 12.47 -10.21 -21.21
N ALA B 228 11.95 -10.44 -20.01
CA ALA B 228 10.69 -11.12 -19.78
C ALA B 228 9.62 -10.57 -20.67
N ILE B 229 9.57 -9.22 -20.67
CA ILE B 229 8.61 -8.45 -21.44
C ILE B 229 8.77 -8.76 -22.93
N HIS B 230 9.99 -8.64 -23.41
CA HIS B 230 10.29 -8.94 -24.82
C HIS B 230 10.10 -10.44 -25.21
N ASN B 231 10.29 -11.36 -24.28
CA ASN B 231 10.13 -12.81 -24.59
C ASN B 231 8.68 -13.06 -24.92
N ALA B 232 7.83 -12.43 -24.12
CA ALA B 232 6.39 -12.62 -24.19
C ALA B 232 5.79 -11.84 -25.34
N ASP B 233 6.40 -10.68 -25.64
CA ASP B 233 5.95 -9.83 -26.75
C ASP B 233 7.15 -9.24 -27.51
N SER B 234 7.53 -9.89 -28.60
CA SER B 234 8.79 -9.57 -29.28
C SER B 234 8.87 -8.08 -29.60
N LYS B 235 7.74 -7.53 -30.04
CA LYS B 235 7.72 -6.15 -30.58
C LYS B 235 7.37 -5.07 -29.56
N ALA B 236 7.45 -5.41 -28.28
CA ALA B 236 7.07 -4.50 -27.23
C ALA B 236 8.11 -3.42 -27.08
N LEU B 237 7.66 -2.22 -26.81
CA LEU B 237 8.53 -1.12 -26.37
C LEU B 237 8.68 -1.09 -24.86
N VAL B 238 9.92 -0.97 -24.39
CA VAL B 238 10.23 -0.86 -22.96
C VAL B 238 11.08 0.39 -22.77
N THR B 239 10.93 1.02 -21.61
CA THR B 239 11.64 2.25 -21.35
C THR B 239 11.86 2.37 -19.85
N VAL B 240 12.53 3.45 -19.47
CA VAL B 240 12.83 3.78 -18.09
C VAL B 240 12.90 5.32 -18.02
N GLY B 241 12.28 5.91 -16.99
CA GLY B 241 12.12 7.37 -16.87
C GLY B 241 13.10 7.97 -15.89
N SER B 242 14.31 8.25 -16.37
CA SER B 242 15.32 8.80 -15.44
C SER B 242 14.92 10.16 -14.87
N TRP B 243 15.44 10.55 -13.72
CA TRP B 243 14.90 11.79 -13.13
C TRP B 243 15.45 13.02 -13.77
N SER B 244 16.46 12.83 -14.60
CA SER B 244 17.31 13.91 -15.04
C SER B 244 18.00 13.45 -16.29
N GLU B 245 18.50 14.40 -17.05
CA GLU B 245 19.42 14.09 -18.14
C GLU B 245 20.75 13.40 -17.66
N LEU B 246 21.10 13.56 -16.39
CA LEU B 246 22.44 13.28 -15.89
C LEU B 246 22.80 11.84 -16.10
N THR B 247 21.83 11.05 -16.50
CA THR B 247 21.99 9.62 -16.40
C THR B 247 21.49 8.86 -17.64
N GLN B 248 21.05 9.61 -18.66
CA GLN B 248 20.68 9.02 -19.93
C GLN B 248 21.37 9.71 -21.10
N THR B 249 22.56 10.23 -20.82
CA THR B 249 23.45 10.76 -21.87
C THR B 249 24.93 10.48 -21.57
N ASP B 250 25.70 10.18 -22.61
CA ASP B 250 27.17 10.07 -22.46
C ASP B 250 27.86 11.37 -22.82
N SER B 251 27.09 12.35 -23.27
CA SER B 251 27.63 13.68 -23.51
C SER B 251 27.79 14.43 -22.17
N PHE B 252 28.43 15.60 -22.22
CA PHE B 252 28.55 16.53 -21.05
C PHE B 252 29.35 16.04 -19.86
N GLY B 253 30.03 14.91 -20.04
CA GLY B 253 30.72 14.24 -18.96
C GLY B 253 29.79 13.35 -18.16
N TYR B 254 28.49 13.35 -18.50
CA TYR B 254 27.54 12.49 -17.82
C TYR B 254 27.68 11.04 -18.33
N ARG B 255 26.74 10.19 -17.96
CA ARG B 255 26.87 8.76 -18.22
C ARG B 255 25.50 8.14 -18.52
N ASN B 256 25.44 7.38 -19.60
CA ASN B 256 24.19 6.80 -20.02
C ASN B 256 24.21 5.38 -19.53
N HIS B 257 23.61 5.21 -18.37
CA HIS B 257 23.62 3.98 -17.64
C HIS B 257 22.61 3.00 -18.17
N TYR B 258 21.74 3.41 -19.10
CA TYR B 258 20.66 2.52 -19.54
C TYR B 258 20.79 2.03 -21.01
N LYS B 259 21.94 2.31 -21.64
CA LYS B 259 22.18 1.83 -23.02
C LYS B 259 22.35 0.31 -23.08
N ASP B 260 22.34 -0.26 -24.28
CA ASP B 260 22.27 -1.74 -24.42
C ASP B 260 23.42 -2.45 -23.73
N SER B 261 24.66 -2.00 -23.95
CA SER B 261 25.81 -2.65 -23.35
C SER B 261 25.72 -2.71 -21.82
N CYS B 262 25.29 -1.61 -21.20
CA CYS B 262 25.21 -1.54 -19.75
C CYS B 262 24.18 -2.54 -19.12
N LEU B 263 22.99 -2.66 -19.69
CA LEU B 263 21.96 -3.50 -19.10
C LEU B 263 22.26 -4.97 -19.36
N THR B 264 22.55 -5.24 -20.62
CA THR B 264 23.03 -6.53 -21.10
C THR B 264 24.21 -6.98 -20.23
N GLY B 265 25.11 -6.04 -19.95
CA GLY B 265 26.28 -6.28 -19.09
C GLY B 265 25.92 -6.68 -17.67
N ALA B 266 24.84 -6.08 -17.15
CA ALA B 266 24.44 -6.30 -15.76
C ALA B 266 23.63 -7.58 -15.53
N GLY B 267 22.78 -7.95 -16.47
CA GLY B 267 21.85 -9.06 -16.25
C GLY B 267 22.08 -10.29 -17.12
N GLY B 268 22.75 -10.10 -18.25
CA GLY B 268 23.13 -11.19 -19.14
C GLY B 268 22.06 -11.58 -20.12
N LYS B 269 20.85 -11.04 -19.94
CA LYS B 269 19.80 -11.23 -20.92
C LYS B 269 19.97 -10.10 -21.94
N SER B 270 20.10 -10.47 -23.22
CA SER B 270 20.51 -9.54 -24.26
C SER B 270 19.34 -8.87 -24.97
N ASN B 271 18.12 -9.36 -24.76
CA ASN B 271 16.94 -8.70 -25.33
C ASN B 271 16.25 -7.81 -24.31
N GLY B 272 16.86 -7.73 -23.13
CA GLY B 272 16.36 -6.87 -22.05
C GLY B 272 16.95 -5.47 -22.10
N ILE B 273 16.77 -4.86 -23.25
CA ILE B 273 17.23 -3.51 -23.51
C ILE B 273 15.99 -2.61 -23.38
N ILE B 274 16.22 -1.31 -23.25
CA ILE B 274 15.15 -0.34 -23.50
C ILE B 274 15.19 0.08 -24.95
N ASN B 275 14.00 0.35 -25.49
CA ASN B 275 13.87 0.66 -26.89
C ASN B 275 13.85 2.16 -27.14
N PHE B 276 13.60 2.96 -26.12
CA PHE B 276 13.68 4.41 -26.27
C PHE B 276 14.02 5.03 -24.94
N TYR B 277 14.78 6.12 -24.93
CA TYR B 277 15.24 6.76 -23.68
C TYR B 277 14.18 7.69 -23.14
N GLN B 278 14.37 8.16 -21.90
CA GLN B 278 13.39 9.03 -21.27
C GLN B 278 13.96 9.84 -20.11
N MET B 279 13.90 11.15 -20.24
CA MET B 279 14.37 12.05 -19.19
C MET B 279 13.21 12.85 -18.63
N HIS B 280 13.37 13.27 -17.40
CA HIS B 280 12.40 14.10 -16.74
C HIS B 280 13.11 15.37 -16.46
N THR B 281 12.46 16.50 -16.58
CA THR B 281 13.20 17.68 -16.20
C THR B 281 12.34 18.69 -15.48
N TYR B 282 12.95 19.23 -14.43
CA TYR B 282 12.35 20.22 -13.56
C TYR B 282 13.41 21.24 -13.27
N SER B 283 13.04 22.52 -13.15
CA SER B 283 14.00 23.51 -12.65
C SER B 283 14.22 23.39 -11.14
N HIS B 284 15.18 24.16 -10.64
CA HIS B 284 15.36 24.35 -9.21
C HIS B 284 15.61 25.81 -9.01
N SER B 285 14.68 26.48 -8.31
CA SER B 285 14.72 27.93 -8.08
C SER B 285 14.64 28.71 -9.39
N GLY B 286 13.84 28.21 -10.32
CA GLY B 286 13.69 28.89 -11.60
C GLY B 286 14.88 28.76 -12.55
N LYS B 287 15.91 28.01 -12.18
CA LYS B 287 17.00 27.79 -13.13
C LYS B 287 17.10 26.29 -13.41
N TRP B 288 16.76 25.87 -14.64
CA TRP B 288 17.17 24.53 -15.20
C TRP B 288 18.62 24.18 -14.92
N ASN B 289 18.92 22.90 -14.82
CA ASN B 289 20.29 22.44 -15.00
C ASN B 289 20.88 22.99 -16.32
N GLN B 290 22.21 23.07 -16.37
CA GLN B 290 22.97 23.57 -17.54
C GLN B 290 22.48 22.98 -18.85
N ASN B 291 22.57 21.66 -18.92
CA ASN B 291 22.33 20.92 -20.11
C ASN B 291 21.06 20.11 -19.97
N ALA B 292 20.06 20.68 -19.30
CA ALA B 292 18.74 20.03 -19.19
C ALA B 292 17.98 20.08 -20.52
N PRO B 293 17.01 19.20 -20.72
CA PRO B 293 16.49 19.09 -22.10
C PRO B 293 15.98 20.38 -22.76
N PHE B 294 15.39 21.30 -22.01
CA PHE B 294 14.86 22.54 -22.61
C PHE B 294 15.92 23.62 -22.71
N LYS B 295 17.13 23.34 -22.24
CA LYS B 295 18.30 24.22 -22.50
C LYS B 295 19.11 23.86 -23.75
N VAL B 296 18.72 22.80 -24.42
CA VAL B 296 19.62 21.99 -25.23
C VAL B 296 18.79 21.22 -26.33
N ASN B 297 19.47 20.52 -27.23
CA ASN B 297 18.85 19.70 -28.27
C ASN B 297 18.68 18.25 -27.94
N ARG B 298 17.74 17.54 -28.58
CA ARG B 298 17.76 16.09 -28.42
C ARG B 298 19.06 15.59 -29.02
N TRP B 299 19.53 16.30 -30.02
CA TRP B 299 20.71 15.83 -30.76
C TRP B 299 21.97 15.99 -29.88
N ALA B 300 22.00 17.06 -29.10
CA ALA B 300 23.09 17.28 -28.17
C ALA B 300 23.34 16.03 -27.28
N TYR B 301 22.28 15.29 -26.95
CA TYR B 301 22.40 14.13 -26.04
C TYR B 301 23.09 12.94 -26.69
N ASN B 302 23.28 12.98 -28.02
CA ASN B 302 24.01 11.94 -28.80
C ASN B 302 23.54 10.53 -28.46
N VAL B 303 22.28 10.29 -28.77
CA VAL B 303 21.55 9.11 -28.35
C VAL B 303 20.48 8.89 -29.45
N ASN B 304 20.97 8.85 -30.69
CA ASN B 304 20.15 8.93 -31.89
C ASN B 304 19.81 7.54 -32.43
N ASP B 305 20.33 6.51 -31.78
CA ASP B 305 20.01 5.12 -32.11
C ASP B 305 18.59 4.84 -31.68
N LYS B 306 18.13 5.52 -30.64
CA LYS B 306 16.76 5.34 -30.15
C LYS B 306 16.08 6.68 -29.93
N PRO B 307 14.72 6.67 -29.91
CA PRO B 307 13.91 7.87 -29.63
C PRO B 307 14.06 8.35 -28.20
N LEU B 308 14.09 9.66 -27.98
CA LEU B 308 14.19 10.20 -26.64
C LEU B 308 12.91 10.95 -26.25
N LEU B 309 12.26 10.49 -25.20
CA LEU B 309 11.03 11.10 -24.71
C LEU B 309 11.37 12.03 -23.54
N ILE B 310 10.70 13.18 -23.47
CA ILE B 310 10.69 13.99 -22.25
C ILE B 310 9.45 13.53 -21.49
N GLY B 311 9.67 12.60 -20.56
CA GLY B 311 8.58 11.88 -19.92
C GLY B 311 7.87 12.62 -18.79
N GLU B 312 8.46 13.72 -18.32
CA GLU B 312 7.92 14.54 -17.24
C GLU B 312 8.43 15.97 -17.26
N PHE B 313 7.53 16.94 -17.25
CA PHE B 313 7.91 18.31 -16.95
C PHE B 313 6.72 19.09 -16.44
N ALA B 314 6.97 20.28 -15.90
CA ALA B 314 5.90 21.15 -15.46
C ALA B 314 6.25 22.64 -15.66
N SER B 315 5.30 23.43 -16.22
CA SER B 315 5.37 24.92 -16.25
C SER B 315 5.80 25.50 -14.94
N VAL B 316 5.13 25.00 -13.90
CA VAL B 316 5.25 25.50 -12.56
C VAL B 316 6.67 25.32 -11.97
N CYS B 317 7.45 24.41 -12.55
CA CYS B 317 8.89 24.32 -12.29
C CYS B 317 9.70 24.29 -13.60
N SER B 318 9.66 25.43 -14.29
CA SER B 318 10.49 25.67 -15.47
C SER B 318 11.26 26.97 -15.30
N GLN B 319 11.49 27.69 -16.40
CA GLN B 319 11.94 29.11 -16.38
C GLN B 319 10.85 30.05 -16.96
N ASN B 320 9.59 29.67 -16.77
CA ASN B 320 8.43 30.45 -17.20
C ASN B 320 8.27 30.69 -18.70
N GLU B 321 8.85 29.83 -19.51
CA GLU B 321 8.64 29.89 -20.96
C GLU B 321 7.18 29.81 -21.39
N GLY B 322 6.37 29.16 -20.57
CA GLY B 322 4.94 29.04 -20.82
C GLY B 322 4.67 27.70 -21.43
N ILE B 323 3.69 27.00 -20.90
CA ILE B 323 3.46 25.57 -21.27
C ILE B 323 3.46 25.30 -22.77
N GLN B 324 2.80 26.18 -23.52
CA GLN B 324 2.66 25.96 -24.94
C GLN B 324 4.02 26.04 -25.62
N ASN B 325 4.89 26.91 -25.14
CA ASN B 325 6.20 27.03 -25.79
C ASN B 325 7.09 25.84 -25.49
N LEU B 326 6.96 25.34 -24.27
CA LEU B 326 7.61 24.13 -23.84
C LEU B 326 7.21 22.98 -24.77
N TYR B 327 5.93 22.80 -25.01
CA TYR B 327 5.55 21.68 -25.89
C TYR B 327 6.18 21.91 -27.26
N LYS B 328 6.14 23.17 -27.71
CA LYS B 328 6.69 23.51 -29.01
C LYS B 328 8.18 23.31 -29.08
N TYR B 329 8.90 23.86 -28.08
CA TYR B 329 10.34 23.67 -28.00
C TYR B 329 10.73 22.20 -28.21
N ALA B 330 10.08 21.32 -27.46
CA ALA B 330 10.39 19.91 -27.50
C ALA B 330 10.12 19.37 -28.88
N TYR B 331 8.95 19.69 -29.40
CA TYR B 331 8.61 19.24 -30.75
C TYR B 331 9.62 19.69 -31.84
N ASN B 332 10.12 20.92 -31.65
CA ASN B 332 10.87 21.62 -32.68
C ASN B 332 12.36 21.31 -32.64
N ASN B 333 12.87 20.94 -31.47
CA ASN B 333 14.28 20.74 -31.26
C ASN B 333 14.63 19.25 -31.12
N GLY B 334 13.93 18.38 -31.86
CA GLY B 334 14.37 17.00 -32.00
C GLY B 334 13.80 15.90 -31.14
N TYR B 335 13.19 16.24 -29.99
CA TYR B 335 12.66 15.22 -29.05
C TYR B 335 11.47 14.45 -29.63
N ASN B 336 11.15 13.29 -29.09
CA ASN B 336 10.09 12.46 -29.71
C ASN B 336 8.82 12.45 -28.93
N GLY B 337 8.80 13.18 -27.83
CA GLY B 337 7.57 13.49 -27.12
C GLY B 337 7.83 14.35 -25.88
N ALA B 338 6.71 14.82 -25.30
CA ALA B 338 6.73 15.60 -24.04
C ALA B 338 5.44 15.35 -23.26
N LEU B 339 5.62 15.07 -21.96
CA LEU B 339 4.51 14.76 -21.06
C LEU B 339 4.61 15.64 -19.82
N THR B 340 3.49 16.31 -19.55
CA THR B 340 3.34 17.16 -18.37
C THR B 340 3.12 16.30 -17.14
N TRP B 341 3.63 16.78 -16.02
CA TRP B 341 3.35 16.22 -14.74
C TRP B 341 2.56 17.24 -13.91
N GLN B 342 1.37 16.93 -13.36
CA GLN B 342 0.56 15.71 -13.63
C GLN B 342 -0.91 16.06 -13.55
N PHE B 343 -1.74 15.22 -14.14
CA PHE B 343 -3.11 15.56 -14.38
C PHE B 343 -3.95 15.64 -13.12
N ASN B 344 -3.67 14.80 -12.11
CA ASN B 344 -4.41 14.91 -10.84
C ASN B 344 -4.06 16.19 -10.09
N SER B 345 -3.08 16.91 -10.64
CA SER B 345 -2.79 18.29 -10.27
C SER B 345 -2.18 18.43 -8.89
N GLY B 346 -1.91 17.34 -8.18
CA GLY B 346 -1.34 17.42 -6.84
C GLY B 346 0.14 17.09 -6.73
N GLY B 347 0.74 17.49 -5.60
CA GLY B 347 2.12 17.12 -5.21
C GLY B 347 3.00 18.24 -5.67
N ASP B 348 4.30 18.16 -5.38
CA ASP B 348 5.29 19.16 -5.85
C ASP B 348 5.52 19.12 -7.34
N CYS B 349 5.74 20.28 -7.91
CA CYS B 349 5.94 20.50 -9.35
C CYS B 349 4.91 19.87 -10.27
N SER B 350 3.64 20.13 -9.97
CA SER B 350 2.54 19.67 -10.77
C SER B 350 1.85 20.88 -11.33
N ASP B 351 1.66 20.85 -12.64
CA ASP B 351 0.78 21.73 -13.35
C ASP B 351 -0.68 21.42 -13.03
N THR B 352 -1.51 22.31 -13.55
CA THR B 352 -2.95 22.22 -13.47
C THR B 352 -3.45 21.32 -14.59
N TYR B 353 -4.49 20.53 -14.36
CA TYR B 353 -5.05 19.75 -15.45
C TYR B 353 -5.47 20.72 -16.54
N SER B 354 -6.10 21.80 -16.12
CA SER B 354 -6.58 22.83 -17.01
C SER B 354 -5.51 23.28 -17.99
N ASN B 355 -4.36 23.72 -17.47
CA ASN B 355 -3.40 24.30 -18.37
C ASN B 355 -2.44 23.26 -19.03
N GLN B 356 -2.44 22.03 -18.55
CA GLN B 356 -1.90 20.95 -19.36
C GLN B 356 -2.78 20.69 -20.59
N MET B 357 -4.11 20.82 -20.42
CA MET B 357 -5.00 20.76 -21.60
C MET B 357 -4.70 21.91 -22.54
N TYR B 358 -4.45 23.10 -21.99
CA TYR B 358 -4.10 24.26 -22.80
C TYR B 358 -2.83 23.93 -23.57
N GLY B 359 -1.80 23.52 -22.85
CA GLY B 359 -0.53 23.15 -23.46
C GLY B 359 -0.68 22.17 -24.62
N MET B 360 -1.47 21.12 -24.44
CA MET B 360 -1.63 20.15 -25.52
C MET B 360 -2.19 20.81 -26.79
N GLN B 361 -3.05 21.83 -26.62
CA GLN B 361 -3.66 22.51 -27.78
C GLN B 361 -2.61 23.02 -28.75
N ALA B 362 -1.48 23.47 -28.22
CA ALA B 362 -0.37 23.98 -29.02
C ALA B 362 0.07 23.08 -30.18
N LEU B 363 -0.14 21.78 -30.03
CA LEU B 363 0.29 20.86 -31.07
C LEU B 363 -0.85 20.13 -31.75
N LYS B 364 -2.09 20.53 -31.48
CA LYS B 364 -3.28 19.82 -31.99
C LYS B 364 -3.15 19.47 -33.47
N GLY B 365 -2.97 20.46 -34.31
CA GLY B 365 -2.83 20.14 -35.72
C GLY B 365 -1.68 19.19 -36.03
N GLN B 366 -0.53 19.41 -35.37
CA GLN B 366 0.76 19.18 -35.99
C GLN B 366 0.84 17.92 -36.79
N ASN B 367 1.24 18.12 -38.04
CA ASN B 367 1.94 17.10 -38.75
C ASN B 367 3.01 17.74 -39.65
N ASP B 368 4.28 17.48 -39.31
CA ASP B 368 5.43 17.85 -40.13
C ASP B 368 6.35 16.63 -40.22
N GLN B 369 6.24 15.85 -41.27
CA GLN B 369 7.12 14.69 -41.46
C GLN B 369 8.56 15.07 -41.91
N SER B 370 8.77 16.34 -42.28
CA SER B 370 10.06 16.84 -42.81
C SER B 370 11.24 16.24 -42.04
N GLY B 371 12.14 15.58 -42.80
CA GLY B 371 13.34 14.97 -42.24
C GLY B 371 13.99 15.91 -41.25
N GLY B 372 14.15 15.45 -40.01
CA GLY B 372 14.67 16.27 -38.94
C GLY B 372 13.61 16.89 -38.02
N LYS B 373 12.35 16.87 -38.46
CA LYS B 373 11.23 17.39 -37.63
C LYS B 373 10.42 16.25 -36.92
N GLY B 374 9.54 16.66 -35.99
CA GLY B 374 8.92 15.77 -34.96
C GLY B 374 7.74 14.86 -35.32
N GLY B 375 6.94 15.26 -36.31
CA GLY B 375 5.98 14.34 -36.93
C GLY B 375 4.53 14.57 -36.65
N MET B 376 3.78 13.48 -36.70
CA MET B 376 2.33 13.47 -36.64
C MET B 376 1.92 13.36 -35.21
N VAL B 377 0.88 14.09 -34.81
CA VAL B 377 0.36 13.95 -33.45
C VAL B 377 -1.02 13.32 -33.33
N SER B 378 -1.95 13.84 -34.12
CA SER B 378 -3.28 13.27 -34.20
C SER B 378 -3.19 11.96 -34.97
N VAL B 379 -3.36 10.83 -34.29
CA VAL B 379 -3.03 9.52 -34.86
C VAL B 379 -4.31 8.71 -34.98
N ASN B 380 -4.31 7.69 -35.83
CA ASN B 380 -5.44 6.79 -35.85
C ASN B 380 -5.07 5.38 -35.43
N ILE B 381 -5.24 5.12 -34.13
CA ILE B 381 -5.01 3.81 -33.52
C ILE B 381 -6.21 2.96 -33.92
N ASN B 382 -5.98 1.72 -34.35
CA ASN B 382 -7.10 0.91 -34.89
C ASN B 382 -7.73 -0.07 -33.88
N HIS B 383 -8.73 -0.83 -34.31
CA HIS B 383 -9.32 -1.88 -33.48
C HIS B 383 -8.30 -2.97 -33.07
#